data_2PLB
# 
_entry.id   2PLB 
# 
_audit_conform.dict_name       mmcif_pdbx.dic 
_audit_conform.dict_version    5.377 
_audit_conform.dict_location   http://mmcif.pdb.org/dictionaries/ascii/mmcif_pdbx.dic 
# 
loop_
_database_2.database_id 
_database_2.database_code 
_database_2.pdbx_database_accession 
_database_2.pdbx_DOI 
PDB   2PLB         pdb_00002plb 10.2210/pdb2plb/pdb 
NDB   AD0070       ?            ?                   
RCSB  RCSB042504   ?            ?                   
WWPDB D_1000042504 ?            ?                   
# 
loop_
_pdbx_database_related.db_name 
_pdbx_database_related.db_id 
_pdbx_database_related.details 
_pdbx_database_related.content_type 
PDB 115D 'D-(GG[Br]UA[Br]UACC), with the two Br replacing THY methyl groups' unspecified 
PDB 1VJ4 'D-(GGTATACC) initial structure'                                    unspecified 
PDB 2PKV 'D-(GGTATACC) ambient pressure'                                     unspecified 
PDB 2PL4 'D-(GGTATACC) under 0.55 GPA hydrostatic pressure'                  unspecified 
PDB 2PL8 'D-(GGTATACC) under 1.04 GPA hydrostatic pressure'                  unspecified 
PDB 2PLO 'D-(GTATACC) LOW TEMPERATURE (100K)'                                unspecified 
# 
_pdbx_database_status.status_code                     REL 
_pdbx_database_status.entry_id                        2PLB 
_pdbx_database_status.recvd_initial_deposition_date   2007-04-19 
_pdbx_database_status.deposit_site                    RCSB 
_pdbx_database_status.process_site                    RCSB 
_pdbx_database_status.status_code_sf                  REL 
_pdbx_database_status.status_code_mr                  ? 
_pdbx_database_status.SG_entry                        ? 
_pdbx_database_status.status_code_cs                  ? 
_pdbx_database_status.methods_development_category    ? 
_pdbx_database_status.pdb_format_compatible           Y 
_pdbx_database_status.status_code_nmr_data            ? 
# 
loop_
_audit_author.name 
_audit_author.pdbx_ordinal 
'Prange, T.' 1 
'Girard, E.' 2 
'Kahn, R.'   3 
'Fourme, R.' 4 
# 
loop_
_citation.id 
_citation.title 
_citation.journal_abbrev 
_citation.journal_volume 
_citation.page_first 
_citation.page_last 
_citation.year 
_citation.journal_id_ASTM 
_citation.country 
_citation.journal_id_ISSN 
_citation.journal_id_CSD 
_citation.book_publisher 
_citation.pdbx_database_id_PubMed 
_citation.pdbx_database_id_DOI 
primary 'Adaptation of the base-paired double-helix molecular architecture to extreme pressure.' 'Nucleic Acids Res.' 35   4800 
4808 2007 NARHAD UK 0305-1048 0389 ? 17617642 10.1093/nar/gkm511           
1       'Coexistence of A-and B-Form DNA in a Single Crystal Lattice' Nature                                       337  190  193  
1989 NATUAS UK 0028-0836 0006 ? 2911354  10.1038/337190a0             
2       'High-pressure protein crystallography (HPPX): Instrumentation, methodology and results on lysozyme crystals' 
'J.Synchrotron Radia.'                       8    1149 1156 2001 JSYRES DK 0909-0495 1210 ? 11524565 10.1107/S0909049501011037    
3       
;High pressure macromolecular crystallography: The 140 MPa crystal structure at 2.3 A resolution of urate oxidase, A 135 KD tetrameric assembly
;
'BIOCHEM.BIOPHYS.ACTA PROTEINS & PROTEOMICS' 1764 391  397  2006 ?      NE 1570-9639 ?    ? 16478683 10.1016/j.bbapap.2006.01.006 
# 
loop_
_citation_author.citation_id 
_citation_author.name 
_citation_author.ordinal 
_citation_author.identifier_ORCID 
primary 'Girard, E.'           1  ? 
primary 'Prange, T.'           2  ? 
primary 'Dhaussy, A.C.'        3  ? 
primary 'Migianu-Griffoni, E.' 4  ? 
primary 'Lecouvey, M.'         5  ? 
primary 'Chervin, J.C.'        6  ? 
primary 'Mezouar, M.'          7  ? 
primary 'Kahn, R.'             8  ? 
primary 'Fourme, R.'           9  ? 
1       'Doucet, J.'           10 ? 
1       'Benoit, J.-P.'        11 ? 
1       'Cruse, W.B.T.'        12 ? 
1       'Prange, T.'           13 ? 
1       'Kennard, O.'          14 ? 
2       'Fourme, R.'           15 ? 
2       'Kahn, R.'             16 ? 
2       'Mezouar, M.'          17 ? 
2       'Girard, E.'           18 ? 
2       'Horentrup, C.'        19 ? 
2       'Prange, T.'           20 ? 
2       'Ascone, I.'           21 ? 
3       
;Colloc'h, N.
;
22 ? 
3       'Girard, E.'           23 ? 
3       'Dhaussy, A.C.'        24 ? 
3       'Kahn, R.'             25 ? 
3       'Ascone, I.'           26 ? 
3       'Mezouar, M.'          27 ? 
3       'Fourme, R.'           28 ? 
# 
_cell.entry_id           2PLB 
_cell.length_a           42.830 
_cell.length_b           42.830 
_cell.length_c           40.300 
_cell.angle_alpha        90.00 
_cell.angle_beta         90.00 
_cell.angle_gamma        120.00 
_cell.Z_PDB              12 
_cell.pdbx_unique_axis   ? 
_cell.length_a_esd       ? 
_cell.length_b_esd       ? 
_cell.length_c_esd       ? 
_cell.angle_alpha_esd    ? 
_cell.angle_beta_esd     ? 
_cell.angle_gamma_esd    ? 
# 
_symmetry.entry_id                         2PLB 
_symmetry.space_group_name_H-M             'P 61' 
_symmetry.pdbx_full_space_group_name_H-M   ? 
_symmetry.cell_setting                     ? 
_symmetry.Int_Tables_number                169 
_symmetry.space_group_name_Hall            ? 
# 
loop_
_entity.id 
_entity.type 
_entity.src_method 
_entity.pdbx_description 
_entity.formula_weight 
_entity.pdbx_number_of_molecules 
_entity.pdbx_ec 
_entity.pdbx_mutation 
_entity.pdbx_fragment 
_entity.details 
1 polymer     syn "5'-D(*DGP*DGP*DTP*DAP*DTP*DAP*DCP*DC)-3'" 2426.617 2  ? ? ? ? 
2 non-polymer syn SPERMINE                                   202.340  1  ? ? ? ? 
3 water       nat water                                      18.015   76 ? ? ? ? 
# 
_entity_poly.entity_id                      1 
_entity_poly.type                           polydeoxyribonucleotide 
_entity_poly.nstd_linkage                   no 
_entity_poly.nstd_monomer                   no 
_entity_poly.pdbx_seq_one_letter_code       '(DG)(DG)(DT)(DA)(DT)(DA)(DC)(DC)' 
_entity_poly.pdbx_seq_one_letter_code_can   GGTATACC 
_entity_poly.pdbx_strand_id                 A,B 
_entity_poly.pdbx_target_identifier         ? 
# 
loop_
_entity_poly_seq.entity_id 
_entity_poly_seq.num 
_entity_poly_seq.mon_id 
_entity_poly_seq.hetero 
1 1 DG n 
1 2 DG n 
1 3 DT n 
1 4 DA n 
1 5 DT n 
1 6 DA n 
1 7 DC n 
1 8 DC n 
# 
_pdbx_entity_src_syn.entity_id              1 
_pdbx_entity_src_syn.pdbx_src_id            1 
_pdbx_entity_src_syn.pdbx_alt_source_flag   sample 
_pdbx_entity_src_syn.pdbx_beg_seq_num       ? 
_pdbx_entity_src_syn.pdbx_end_seq_num       ? 
_pdbx_entity_src_syn.organism_scientific    ? 
_pdbx_entity_src_syn.organism_common_name   ? 
_pdbx_entity_src_syn.ncbi_taxonomy_id       ? 
_pdbx_entity_src_syn.details                'synthetic DNA octamer' 
# 
_struct_ref.id                         1 
_struct_ref.entity_id                  1 
_struct_ref.db_name                    PDB 
_struct_ref.db_code                    2PLB 
_struct_ref.pdbx_db_accession          2PLB 
_struct_ref.pdbx_align_begin           ? 
_struct_ref.pdbx_seq_one_letter_code   ? 
_struct_ref.pdbx_db_isoform            ? 
# 
loop_
_struct_ref_seq.align_id 
_struct_ref_seq.ref_id 
_struct_ref_seq.pdbx_PDB_id_code 
_struct_ref_seq.pdbx_strand_id 
_struct_ref_seq.seq_align_beg 
_struct_ref_seq.pdbx_seq_align_beg_ins_code 
_struct_ref_seq.seq_align_end 
_struct_ref_seq.pdbx_seq_align_end_ins_code 
_struct_ref_seq.pdbx_db_accession 
_struct_ref_seq.db_align_beg 
_struct_ref_seq.pdbx_db_align_beg_ins_code 
_struct_ref_seq.db_align_end 
_struct_ref_seq.pdbx_db_align_end_ins_code 
_struct_ref_seq.pdbx_auth_seq_align_beg 
_struct_ref_seq.pdbx_auth_seq_align_end 
1 1 2PLB A 1 ? 8 ? 2PLB 1 ? 8 ? 1 8 
2 1 2PLB B 1 ? 8 ? 2PLB 1 ? 8 ? 1 8 
# 
loop_
_chem_comp.id 
_chem_comp.type 
_chem_comp.mon_nstd_flag 
_chem_comp.name 
_chem_comp.pdbx_synonyms 
_chem_comp.formula 
_chem_comp.formula_weight 
DA  'DNA linking' y "2'-DEOXYADENOSINE-5'-MONOPHOSPHATE" ? 'C10 H14 N5 O6 P' 331.222 
DC  'DNA linking' y "2'-DEOXYCYTIDINE-5'-MONOPHOSPHATE"  ? 'C9 H14 N3 O7 P'  307.197 
DG  'DNA linking' y "2'-DEOXYGUANOSINE-5'-MONOPHOSPHATE" ? 'C10 H14 N5 O7 P' 347.221 
DT  'DNA linking' y "THYMIDINE-5'-MONOPHOSPHATE"         ? 'C10 H15 N2 O8 P' 322.208 
HOH non-polymer   . WATER                                ? 'H2 O'            18.015  
SPM non-polymer   . SPERMINE                             ? 'C10 H26 N4'      202.340 
# 
_exptl.entry_id          2PLB 
_exptl.method            'X-RAY DIFFRACTION' 
_exptl.crystals_number   1 
# 
_exptl_crystal.id                    1 
_exptl_crystal.density_meas          ? 
_exptl_crystal.density_Matthews      2.11 
_exptl_crystal.density_percent_sol   41.84 
_exptl_crystal.description           ? 
_exptl_crystal.F_000                 ? 
_exptl_crystal.preparation           ? 
# 
_exptl_crystal_grow.crystal_id      1 
_exptl_crystal_grow.method          'VAPOR DIFFUSION, SITTING DROP' 
_exptl_crystal_grow.temp            290 
_exptl_crystal_grow.temp_details    ? 
_exptl_crystal_grow.pH              7 
_exptl_crystal_grow.pdbx_details    
;20 mg of DNA dissolved in 0.2 ml of 15% MPD solution cacodylate buffer 10-2 M. Additives: 10-5 M sodium azide, 10-2 M MgCl2, 2.10-2 M spermine chloride. Reservoir: same solution but 50 % MPD, pH 7, VAPOR DIFFUSION, SITTING DROP, temperature 290K
;
_exptl_crystal_grow.pdbx_pH_range   . 
# 
loop_
_exptl_crystal_grow_comp.crystal_id 
_exptl_crystal_grow_comp.id 
_exptl_crystal_grow_comp.sol_id 
_exptl_crystal_grow_comp.name 
_exptl_crystal_grow_comp.volume 
_exptl_crystal_grow_comp.conc 
_exptl_crystal_grow_comp.details 
1 1  1 '15% MPD'           ? ? ? 
1 2  1 'cacodylate buffer' ? ? ? 
1 3  1 'sodium azide'      ? ? ? 
1 4  1 MgCl2               ? ? ? 
1 5  1 'spermine chloride' ? ? ? 
1 6  2 '50% MPD'           ? ? ? 
1 7  2 'cacodylate buffer' ? ? ? 
1 8  2 'sodium azide'      ? ? ? 
1 9  2 MgCl2               ? ? ? 
1 10 2 'spermine chloride' ? ? ? 
# 
_diffrn.id                     1 
_diffrn.ambient_temp           295 
_diffrn.ambient_temp_details   ? 
_diffrn.crystal_id             1 
# 
_diffrn_detector.diffrn_id              1 
_diffrn_detector.detector               'IMAGE PLATE' 
_diffrn_detector.type                   'MAR scanner 345 mm plate' 
_diffrn_detector.pdbx_collection_date   2006-11-10 
_diffrn_detector.details                '2 crystals, parallel beam, no focusing' 
# 
_diffrn_radiation.diffrn_id                        1 
_diffrn_radiation.wavelength_id                    1 
_diffrn_radiation.pdbx_monochromatic_or_laue_m_l   M 
_diffrn_radiation.monochromator                    'Si(111)' 
_diffrn_radiation.pdbx_diffrn_protocol             'SINGLE WAVELENGTH' 
_diffrn_radiation.pdbx_scattering_type             x-ray 
# 
_diffrn_radiation_wavelength.id           1 
_diffrn_radiation_wavelength.wavelength   0.3738 
_diffrn_radiation_wavelength.wt           1.0 
# 
_diffrn_source.diffrn_id                   1 
_diffrn_source.source                      SYNCHROTRON 
_diffrn_source.type                        'ESRF BEAMLINE ID27' 
_diffrn_source.pdbx_synchrotron_site       ESRF 
_diffrn_source.pdbx_synchrotron_beamline   ID27 
_diffrn_source.pdbx_wavelength             ? 
_diffrn_source.pdbx_wavelength_list        0.3738 
# 
_reflns.entry_id                     2PLB 
_reflns.observed_criterion_sigma_F   2 
_reflns.observed_criterion_sigma_I   4 
_reflns.d_resolution_high            1.60 
_reflns.d_resolution_low             10 
_reflns.number_all                   5582 
_reflns.number_obs                   5518 
_reflns.percent_possible_obs         98.5 
_reflns.pdbx_Rmerge_I_obs            0.047 
_reflns.pdbx_Rsym_value              ? 
_reflns.pdbx_netI_over_sigmaI        11.4 
_reflns.B_iso_Wilson_estimate        ? 
_reflns.pdbx_redundancy              3.1 
_reflns.R_free_details               ? 
_reflns.pdbx_chi_squared             ? 
_reflns.pdbx_scaling_rejects         ? 
_reflns.pdbx_ordinal                 1 
_reflns.pdbx_diffrn_id               1 
# 
_reflns_shell.d_res_high             1.6 
_reflns_shell.d_res_low              1.65 
_reflns_shell.percent_possible_all   99. 
_reflns_shell.Rmerge_I_obs           0.331 
_reflns_shell.pdbx_Rsym_value        ? 
_reflns_shell.meanI_over_sigI_obs    2.2 
_reflns_shell.pdbx_redundancy        3.1 
_reflns_shell.percent_possible_obs   ? 
_reflns_shell.number_unique_all      490 
_reflns_shell.number_measured_all    ? 
_reflns_shell.number_measured_obs    ? 
_reflns_shell.number_unique_obs      ? 
_reflns_shell.pdbx_chi_squared       ? 
_reflns_shell.pdbx_ordinal           1 
_reflns_shell.pdbx_diffrn_id         1 
# 
_refine.entry_id                                 2PLB 
_refine.ls_number_reflns_obs                     5518 
_refine.ls_number_reflns_all                     5582 
_refine.pdbx_ls_sigma_I                          4 
_refine.pdbx_ls_sigma_F                          2 
_refine.pdbx_data_cutoff_high_absF               ? 
_refine.pdbx_data_cutoff_low_absF                ? 
_refine.pdbx_data_cutoff_high_rms_absF           ? 
_refine.ls_d_res_low                             10.00 
_refine.ls_d_res_high                            1.60 
_refine.ls_percent_reflns_obs                    99.9 
_refine.ls_R_factor_obs                          0.1866 
_refine.ls_R_factor_all                          0.219 
_refine.ls_R_factor_R_work                       0.1806 
_refine.ls_R_factor_R_free                       0.222 
_refine.ls_R_factor_R_free_error                 ? 
_refine.ls_R_factor_R_free_error_details         ? 
_refine.ls_percent_reflns_R_free                 ? 
_refine.ls_number_reflns_R_free                  440 
_refine.ls_number_parameters                     1747 
_refine.ls_number_restraints                     1776 
_refine.occupancy_min                            ? 
_refine.occupancy_max                            ? 
_refine.correlation_coeff_Fo_to_Fc               ? 
_refine.correlation_coeff_Fo_to_Fc_free          ? 
_refine.B_iso_mean                               ? 
_refine.aniso_B[1][1]                            ? 
_refine.aniso_B[2][2]                            ? 
_refine.aniso_B[3][3]                            ? 
_refine.aniso_B[1][2]                            ? 
_refine.aniso_B[1][3]                            ? 
_refine.aniso_B[2][3]                            ? 
_refine.solvent_model_details                    ? 
_refine.solvent_model_param_ksol                 ? 
_refine.solvent_model_param_bsol                 ? 
_refine.pdbx_solvent_vdw_probe_radii             ? 
_refine.pdbx_solvent_ion_probe_radii             ? 
_refine.pdbx_solvent_shrinkage_radii             ? 
_refine.pdbx_ls_cross_valid_method               'FREE R' 
_refine.details                                  
'One sugar and one phosphate group are disordered (two positions). The spermine molecule is also disordered' 
_refine.pdbx_starting_model                      2PL8 
_refine.pdbx_method_to_determine_struct          'FOURIER SYNTHESIS' 
_refine.pdbx_isotropic_thermal_model             'individual restrained B factors' 
_refine.pdbx_stereochemistry_target_values       'ENGH AND HUBER' 
_refine.pdbx_stereochem_target_val_spec_case     ? 
_refine.pdbx_R_Free_selection_details            RANDOM 
_refine.pdbx_overall_ESU_R                       ? 
_refine.pdbx_overall_ESU_R_Free                  ? 
_refine.overall_SU_ML                            ? 
_refine.overall_SU_B                             ? 
_refine.ls_redundancy_reflns_obs                 ? 
_refine.overall_SU_R_Cruickshank_DPI             ? 
_refine.overall_SU_R_free                        ? 
_refine.ls_wR_factor_R_free                      ? 
_refine.ls_wR_factor_R_work                      ? 
_refine.overall_FOM_free_R_set                   ? 
_refine.overall_FOM_work_R_set                   ? 
_refine.pdbx_overall_phase_error                 ? 
_refine.pdbx_refine_id                           'X-RAY DIFFRACTION' 
_refine.pdbx_diffrn_id                           1 
_refine.pdbx_TLS_residual_ADP_flag               ? 
_refine.pdbx_overall_SU_R_free_Cruickshank_DPI   ? 
_refine.pdbx_overall_SU_R_Blow_DPI               ? 
_refine.pdbx_overall_SU_R_free_Blow_DPI          ? 
# 
_refine_analyze.entry_id                        2PLB 
_refine_analyze.Luzzati_coordinate_error_obs    ? 
_refine_analyze.Luzzati_sigma_a_obs             ? 
_refine_analyze.Luzzati_d_res_low_obs           ? 
_refine_analyze.Luzzati_coordinate_error_free   ? 
_refine_analyze.Luzzati_sigma_a_free            ? 
_refine_analyze.Luzzati_d_res_low_free          ? 
_refine_analyze.number_disordered_residues      2 
_refine_analyze.occupancy_sum_hydrogen          178.00 
_refine_analyze.occupancy_sum_non_hydrogen      412.00 
_refine_analyze.pdbx_refine_id                  'X-RAY DIFFRACTION' 
# 
_refine_hist.pdbx_refine_id                   'X-RAY DIFFRACTION' 
_refine_hist.cycle_id                         LAST 
_refine_hist.pdbx_number_atoms_protein        0 
_refine_hist.pdbx_number_atoms_nucleic_acid   322 
_refine_hist.pdbx_number_atoms_ligand         14 
_refine_hist.number_atoms_solvent             76 
_refine_hist.number_atoms_total               412 
_refine_hist.d_res_high                       1.60 
_refine_hist.d_res_low                        10.00 
# 
loop_
_refine_ls_restr.type 
_refine_ls_restr.dev_ideal 
_refine_ls_restr.dev_ideal_target 
_refine_ls_restr.weight 
_refine_ls_restr.number 
_refine_ls_restr.pdbx_refine_id 
_refine_ls_restr.pdbx_restraint_function 
s_bond_d               0.013  ? ? ? 'X-RAY DIFFRACTION' ? 
s_angle_d              0.030  ? ? ? 'X-RAY DIFFRACTION' ? 
s_similar_dist         0.000  ? ? ? 'X-RAY DIFFRACTION' ? 
s_from_restr_planes    0.0011 ? ? ? 'X-RAY DIFFRACTION' ? 
s_zero_chiral_vol      0.000  ? ? ? 'X-RAY DIFFRACTION' ? 
s_non_zero_chiral_vol  0.008  ? ? ? 'X-RAY DIFFRACTION' ? 
s_anti_bump_dis_restr  0.020  ? ? ? 'X-RAY DIFFRACTION' ? 
s_rigid_bond_adp_cmpnt 0.000  ? ? ? 'X-RAY DIFFRACTION' ? 
s_similar_adp_cmpnt    0.063  ? ? ? 'X-RAY DIFFRACTION' ? 
s_approx_iso_adps      0.000  ? ? ? 'X-RAY DIFFRACTION' ? 
# 
_pdbx_refine.entry_id                                    2PLB 
_pdbx_refine.R_factor_all_no_cutoff                      0.219 
_pdbx_refine.R_factor_obs_no_cutoff                      ? 
_pdbx_refine.free_R_factor_no_cutoff                     ? 
_pdbx_refine.free_R_val_test_set_size_perc_no_cutoff     ? 
_pdbx_refine.free_R_val_test_set_ct_no_cutoff            ? 
_pdbx_refine.R_factor_all_4sig_cutoff                    0.2021 
_pdbx_refine.R_factor_obs_4sig_cutoff                    ? 
_pdbx_refine.free_R_factor_4sig_cutoff                   ? 
_pdbx_refine.free_R_val_test_set_size_perc_4sig_cutoff   ? 
_pdbx_refine.free_R_val_test_set_ct_4sig_cutoff          ? 
_pdbx_refine.number_reflns_obs_4sig_cutoff               4600 
_pdbx_refine.pdbx_refine_id                              'X-RAY DIFFRACTION' 
_pdbx_refine.free_R_error_no_cutoff                      ? 
# 
_struct.entry_id                  2PLB 
_struct.title                     'D(GTATACC) under hydrostatic pressure of 1.39 GPa' 
_struct.pdbx_model_details        ? 
_struct.pdbx_CASP_flag            ? 
_struct.pdbx_model_type_details   ? 
# 
_struct_keywords.entry_id        2PLB 
_struct_keywords.pdbx_keywords   DNA 
_struct_keywords.text            'DNA, HIGH-PRESSURE' 
# 
loop_
_struct_asym.id 
_struct_asym.pdbx_blank_PDB_chainid_flag 
_struct_asym.pdbx_modified 
_struct_asym.entity_id 
_struct_asym.details 
A N N 1 ? 
B N N 1 ? 
C N N 2 ? 
D N N 3 ? 
E N N 3 ? 
# 
_struct_biol.id        1 
_struct_biol.details   ? 
# 
loop_
_struct_conn.id 
_struct_conn.conn_type_id 
_struct_conn.pdbx_leaving_atom_flag 
_struct_conn.pdbx_PDB_id 
_struct_conn.ptnr1_label_asym_id 
_struct_conn.ptnr1_label_comp_id 
_struct_conn.ptnr1_label_seq_id 
_struct_conn.ptnr1_label_atom_id 
_struct_conn.pdbx_ptnr1_label_alt_id 
_struct_conn.pdbx_ptnr1_PDB_ins_code 
_struct_conn.pdbx_ptnr1_standard_comp_id 
_struct_conn.ptnr1_symmetry 
_struct_conn.ptnr2_label_asym_id 
_struct_conn.ptnr2_label_comp_id 
_struct_conn.ptnr2_label_seq_id 
_struct_conn.ptnr2_label_atom_id 
_struct_conn.pdbx_ptnr2_label_alt_id 
_struct_conn.pdbx_ptnr2_PDB_ins_code 
_struct_conn.ptnr1_auth_asym_id 
_struct_conn.ptnr1_auth_comp_id 
_struct_conn.ptnr1_auth_seq_id 
_struct_conn.ptnr2_auth_asym_id 
_struct_conn.ptnr2_auth_comp_id 
_struct_conn.ptnr2_auth_seq_id 
_struct_conn.ptnr2_symmetry 
_struct_conn.pdbx_ptnr3_label_atom_id 
_struct_conn.pdbx_ptnr3_label_seq_id 
_struct_conn.pdbx_ptnr3_label_comp_id 
_struct_conn.pdbx_ptnr3_label_asym_id 
_struct_conn.pdbx_ptnr3_label_alt_id 
_struct_conn.pdbx_ptnr3_PDB_ins_code 
_struct_conn.details 
_struct_conn.pdbx_dist_value 
_struct_conn.pdbx_value_order 
_struct_conn.pdbx_role 
hydrog1  hydrog ? ? A DG 1 N1 ? ? ? 1_555 B DC 8 N3 ? ? A DG 1 B DC 8 1_555 ? ? ? ? ? ? WATSON-CRICK ? ? ? 
hydrog2  hydrog ? ? A DG 1 N2 ? ? ? 1_555 B DC 8 O2 ? ? A DG 1 B DC 8 1_555 ? ? ? ? ? ? WATSON-CRICK ? ? ? 
hydrog3  hydrog ? ? A DG 1 O6 ? ? ? 1_555 B DC 8 N4 ? ? A DG 1 B DC 8 1_555 ? ? ? ? ? ? WATSON-CRICK ? ? ? 
hydrog4  hydrog ? ? A DG 2 N1 ? ? ? 1_555 B DC 7 N3 ? ? A DG 2 B DC 7 1_555 ? ? ? ? ? ? WATSON-CRICK ? ? ? 
hydrog5  hydrog ? ? A DG 2 N2 ? ? ? 1_555 B DC 7 O2 ? ? A DG 2 B DC 7 1_555 ? ? ? ? ? ? WATSON-CRICK ? ? ? 
hydrog6  hydrog ? ? A DG 2 O6 ? ? ? 1_555 B DC 7 N4 ? ? A DG 2 B DC 7 1_555 ? ? ? ? ? ? WATSON-CRICK ? ? ? 
hydrog7  hydrog ? ? A DT 3 N3 ? ? ? 1_555 B DA 6 N1 ? ? A DT 3 B DA 6 1_555 ? ? ? ? ? ? WATSON-CRICK ? ? ? 
hydrog8  hydrog ? ? A DT 3 O4 ? ? ? 1_555 B DA 6 N6 ? ? A DT 3 B DA 6 1_555 ? ? ? ? ? ? WATSON-CRICK ? ? ? 
hydrog9  hydrog ? ? A DA 4 N1 ? ? ? 1_555 B DT 5 N3 ? ? A DA 4 B DT 5 1_555 ? ? ? ? ? ? WATSON-CRICK ? ? ? 
hydrog10 hydrog ? ? A DA 4 N6 ? ? ? 1_555 B DT 5 O4 ? ? A DA 4 B DT 5 1_555 ? ? ? ? ? ? WATSON-CRICK ? ? ? 
hydrog11 hydrog ? ? A DT 5 N3 ? ? ? 1_555 B DA 4 N1 ? ? A DT 5 B DA 4 1_555 ? ? ? ? ? ? WATSON-CRICK ? ? ? 
hydrog12 hydrog ? ? A DT 5 O4 ? ? ? 1_555 B DA 4 N6 ? ? A DT 5 B DA 4 1_555 ? ? ? ? ? ? WATSON-CRICK ? ? ? 
hydrog13 hydrog ? ? A DA 6 N1 ? ? ? 1_555 B DT 3 N3 ? ? A DA 6 B DT 3 1_555 ? ? ? ? ? ? WATSON-CRICK ? ? ? 
hydrog14 hydrog ? ? A DA 6 N6 ? ? ? 1_555 B DT 3 O4 ? ? A DA 6 B DT 3 1_555 ? ? ? ? ? ? WATSON-CRICK ? ? ? 
hydrog15 hydrog ? ? A DC 7 N3 ? ? ? 1_555 B DG 2 N1 ? ? A DC 7 B DG 2 1_555 ? ? ? ? ? ? WATSON-CRICK ? ? ? 
hydrog16 hydrog ? ? A DC 7 N4 ? ? ? 1_555 B DG 2 O6 ? ? A DC 7 B DG 2 1_555 ? ? ? ? ? ? WATSON-CRICK ? ? ? 
hydrog17 hydrog ? ? A DC 7 O2 ? ? ? 1_555 B DG 2 N2 ? ? A DC 7 B DG 2 1_555 ? ? ? ? ? ? WATSON-CRICK ? ? ? 
hydrog18 hydrog ? ? A DC 8 N3 ? ? ? 1_555 B DG 1 N1 ? ? A DC 8 B DG 1 1_555 ? ? ? ? ? ? WATSON-CRICK ? ? ? 
hydrog19 hydrog ? ? A DC 8 N4 ? ? ? 1_555 B DG 1 O6 ? ? A DC 8 B DG 1 1_555 ? ? ? ? ? ? WATSON-CRICK ? ? ? 
hydrog20 hydrog ? ? A DC 8 O2 ? ? ? 1_555 B DG 1 N2 ? ? A DC 8 B DG 1 1_555 ? ? ? ? ? ? WATSON-CRICK ? ? ? 
# 
_struct_conn_type.id          hydrog 
_struct_conn_type.criteria    ? 
_struct_conn_type.reference   ? 
# 
_struct_site.id                   AC1 
_struct_site.pdbx_evidence_code   Software 
_struct_site.pdbx_auth_asym_id    B 
_struct_site.pdbx_auth_comp_id    SPM 
_struct_site.pdbx_auth_seq_id     20 
_struct_site.pdbx_auth_ins_code   ? 
_struct_site.pdbx_num_residues    3 
_struct_site.details              'BINDING SITE FOR RESIDUE SPM B 20' 
# 
loop_
_struct_site_gen.id 
_struct_site_gen.site_id 
_struct_site_gen.pdbx_num_res 
_struct_site_gen.label_comp_id 
_struct_site_gen.label_asym_id 
_struct_site_gen.label_seq_id 
_struct_site_gen.pdbx_auth_ins_code 
_struct_site_gen.auth_comp_id 
_struct_site_gen.auth_asym_id 
_struct_site_gen.auth_seq_id 
_struct_site_gen.label_atom_id 
_struct_site_gen.label_alt_id 
_struct_site_gen.symmetry 
_struct_site_gen.details 
1 AC1 3 DT  B 5 ? DT  B 5   . ? 1_555 ? 
2 AC1 3 DA  B 6 ? DA  B 6   . ? 1_555 ? 
3 AC1 3 HOH E . ? HOH B 133 . ? 1_555 ? 
# 
_atom_sites.entry_id                    2PLB 
_atom_sites.fract_transf_matrix[1][1]   0.00206994 
_atom_sites.fract_transf_matrix[1][2]   0.02511358 
_atom_sites.fract_transf_matrix[1][3]   -0.00958450 
_atom_sites.fract_transf_matrix[2][1]   0.02408455 
_atom_sites.fract_transf_matrix[2][2]   0.00973236 
_atom_sites.fract_transf_matrix[2][3]   -0.00721506 
_atom_sites.fract_transf_matrix[3][1]   -0.00346574 
_atom_sites.fract_transf_matrix[3][2]   -0.00851113 
_atom_sites.fract_transf_matrix[3][3]   -0.02304959 
_atom_sites.fract_transf_vector[1]      0.948795 
_atom_sites.fract_transf_vector[2]      0.437243 
_atom_sites.fract_transf_vector[3]      0.038261 
# 
loop_
_atom_type.symbol 
C 
N 
O 
P 
# 
loop_
_atom_site.group_PDB 
_atom_site.id 
_atom_site.type_symbol 
_atom_site.label_atom_id 
_atom_site.label_alt_id 
_atom_site.label_comp_id 
_atom_site.label_asym_id 
_atom_site.label_entity_id 
_atom_site.label_seq_id 
_atom_site.pdbx_PDB_ins_code 
_atom_site.Cartn_x 
_atom_site.Cartn_y 
_atom_site.Cartn_z 
_atom_site.occupancy 
_atom_site.B_iso_or_equiv 
_atom_site.pdbx_formal_charge 
_atom_site.auth_seq_id 
_atom_site.auth_comp_id 
_atom_site.auth_asym_id 
_atom_site.auth_atom_id 
_atom_site.pdbx_PDB_model_num 
ATOM   1   O "O5'" . DG  A 1 1 ? 8.362   -2.841  11.535  1.00 40.34 ? 1   DG  A "O5'" 1 
ATOM   2   C "C5'" . DG  A 1 1 ? 7.107   -2.354  11.049  1.00 26.20 ? 1   DG  A "C5'" 1 
ATOM   3   C "C4'" . DG  A 1 1 ? 6.818   -1.014  11.688  1.00 28.50 ? 1   DG  A "C4'" 1 
ATOM   4   O "O4'" . DG  A 1 1 ? 7.929   -0.098  11.482  1.00 25.44 ? 1   DG  A "O4'" 1 
ATOM   5   C "C3'" . DG  A 1 1 ? 5.618   -0.267  11.135  1.00 27.26 ? 1   DG  A "C3'" 1 
ATOM   6   O "O3'" . DG  A 1 1 ? 4.407   -0.728  11.703  1.00 27.83 ? 1   DG  A "O3'" 1 
ATOM   7   C "C2'" . DG  A 1 1 ? 5.963   1.170   11.508  1.00 26.65 ? 1   DG  A "C2'" 1 
ATOM   8   C "C1'" . DG  A 1 1 ? 7.427   1.189   11.138  1.00 26.81 ? 1   DG  A "C1'" 1 
ATOM   9   N N9    . DG  A 1 1 ? 7.632   1.446   9.694   1.00 30.55 ? 1   DG  A N9    1 
ATOM   10  C C8    . DG  A 1 1 ? 8.109   0.532   8.786   1.00 35.75 ? 1   DG  A C8    1 
ATOM   11  N N7    . DG  A 1 1 ? 8.193   1.020   7.573   1.00 29.73 ? 1   DG  A N7    1 
ATOM   12  C C5    . DG  A 1 1 ? 7.749   2.326   7.694   1.00 26.21 ? 1   DG  A C5    1 
ATOM   13  C C6    . DG  A 1 1 ? 7.623   3.325   6.710   1.00 25.92 ? 1   DG  A C6    1 
ATOM   14  O O6    . DG  A 1 1 ? 7.880   3.275   5.501   1.00 21.96 ? 1   DG  A O6    1 
ATOM   15  N N1    . DG  A 1 1 ? 7.132   4.519   7.232   1.00 25.59 ? 1   DG  A N1    1 
ATOM   16  C C2    . DG  A 1 1 ? 6.806   4.716   8.551   1.00 23.97 ? 1   DG  A C2    1 
ATOM   17  N N2    . DG  A 1 1 ? 6.352   5.939   8.843   1.00 19.98 ? 1   DG  A N2    1 
ATOM   18  N N3    . DG  A 1 1 ? 6.923   3.780   9.477   1.00 25.74 ? 1   DG  A N3    1 
ATOM   19  C C4    . DG  A 1 1 ? 7.396   2.605   9.010   1.00 27.86 ? 1   DG  A C4    1 
ATOM   20  P P     . DG  A 1 2 ? 3.035   -0.814  10.897  1.00 34.33 ? 2   DG  A P     1 
ATOM   21  O OP1   . DG  A 1 2 ? 2.012   -1.463  11.755  1.00 36.61 ? 2   DG  A OP1   1 
ATOM   22  O OP2   . DG  A 1 2 ? 3.298   -1.409  9.554   1.00 31.48 ? 2   DG  A OP2   1 
ATOM   23  O "O5'" . DG  A 1 2 ? 2.591   0.706   10.663  1.00 27.47 ? 2   DG  A "O5'" 1 
ATOM   24  C "C5'" . DG  A 1 2 ? 2.361   1.599   11.757  1.00 29.26 ? 2   DG  A "C5'" 1 
ATOM   25  C "C4'" . DG  A 1 2 ? 2.307   3.023   11.240  1.00 22.55 ? 2   DG  A "C4'" 1 
ATOM   26  O "O4'" . DG  A 1 2 ? 3.517   3.317   10.521  1.00 24.08 ? 2   DG  A "O4'" 1 
ATOM   27  C "C3'" . DG  A 1 2 ? 1.205   3.303   10.251  1.00 22.60 ? 2   DG  A "C3'" 1 
ATOM   28  O "O3'" . DG  A 1 2 ? -0.002  3.660   10.925  1.00 25.32 ? 2   DG  A "O3'" 1 
ATOM   29  C "C2'" . DG  A 1 2 ? 1.744   4.442   9.412   1.00 22.72 ? 2   DG  A "C2'" 1 
ATOM   30  C "C1'" . DG  A 1 2 ? 3.234   4.223   9.465   1.00 25.38 ? 2   DG  A "C1'" 1 
ATOM   31  N N9    . DG  A 1 2 ? 3.777   3.642   8.203   1.00 21.27 ? 2   DG  A N9    1 
ATOM   32  C C8    . DG  A 1 2 ? 4.291   2.403   7.945   1.00 21.81 ? 2   DG  A C8    1 
ATOM   33  N N7    . DG  A 1 2 ? 4.675   2.259   6.695   1.00 18.71 ? 2   DG  A N7    1 
ATOM   34  C C5    . DG  A 1 2 ? 4.394   3.479   6.096   1.00 18.63 ? 2   DG  A C5    1 
ATOM   35  C C6    . DG  A 1 2 ? 4.577   3.952   4.773   1.00 16.65 ? 2   DG  A C6    1 
ATOM   36  O O6    . DG  A 1 2 ? 5.048   3.339   3.826   1.00 21.64 ? 2   DG  A O6    1 
ATOM   37  N N1    . DG  A 1 2 ? 4.157   5.257   4.589   1.00 19.79 ? 2   DG  A N1    1 
ATOM   38  C C2    . DG  A 1 2 ? 3.615   6.033   5.578   1.00 19.99 ? 2   DG  A C2    1 
ATOM   39  N N2    . DG  A 1 2 ? 3.263   7.273   5.227   1.00 20.07 ? 2   DG  A N2    1 
ATOM   40  N N3    . DG  A 1 2 ? 3.434   5.612   6.826   1.00 20.95 ? 2   DG  A N3    1 
ATOM   41  C C4    . DG  A 1 2 ? 3.838   4.350   7.019   1.00 22.66 ? 2   DG  A C4    1 
ATOM   42  P P     . DT  A 1 3 ? -1.362  3.522   10.099  1.00 29.95 ? 3   DT  A P     1 
ATOM   43  O OP1   . DT  A 1 3 ? -2.488  3.639   11.043  1.00 39.57 ? 3   DT  A OP1   1 
ATOM   44  O OP2   . DT  A 1 3 ? -1.250  2.314   9.216   1.00 31.16 ? 3   DT  A OP2   1 
ATOM   45  O "O5'" . DT  A 1 3 ? -1.330  4.758   9.106   1.00 30.20 ? 3   DT  A "O5'" 1 
ATOM   46  C "C5'" . DT  A 1 3 ? -1.632  6.121   9.392   1.00 36.06 ? 3   DT  A "C5'" 1 
ATOM   47  C "C4'" . DT  A 1 3 ? -1.722  6.871   8.092   1.00 32.76 ? 3   DT  A "C4'" 1 
ATOM   48  O "O4'" . DT  A 1 3 ? -0.408  6.853   7.453   1.00 24.08 ? 3   DT  A "O4'" 1 
ATOM   49  C "C3'" . DT  A 1 3 ? -2.633  6.309   7.024   1.00 41.82 ? 3   DT  A "C3'" 1 
ATOM   50  O "O3'" . DT  A 1 3 ? -4.016  6.531   7.271   1.00 52.52 ? 3   DT  A "O3'" 1 
ATOM   51  C "C2'" . DT  A 1 3 ? -2.129  7.074   5.811   1.00 26.79 ? 3   DT  A "C2'" 1 
ATOM   52  C "C1'" . DT  A 1 3 ? -0.642  6.963   6.044   1.00 23.37 ? 3   DT  A "C1'" 1 
ATOM   53  N N1    . DT  A 1 3 ? 0.036   5.769   5.467   1.00 20.86 ? 3   DT  A N1    1 
ATOM   54  C C2    . DT  A 1 3 ? 0.499   5.932   4.167   1.00 18.30 ? 3   DT  A C2    1 
ATOM   55  O O2    . DT  A 1 3 ? 0.333   6.975   3.572   1.00 23.26 ? 3   DT  A O2    1 
ATOM   56  N N3    . DT  A 1 3 ? 1.106   4.822   3.681   1.00 18.60 ? 3   DT  A N3    1 
ATOM   57  C C4    . DT  A 1 3 ? 1.313   3.613   4.308   1.00 20.68 ? 3   DT  A C4    1 
ATOM   58  O O4    . DT  A 1 3 ? 1.889   2.706   3.720   1.00 21.49 ? 3   DT  A O4    1 
ATOM   59  C C5    . DT  A 1 3 ? 0.810   3.514   5.667   1.00 19.71 ? 3   DT  A C5    1 
ATOM   60  C C7    . DT  A 1 3 ? 1.002   2.234   6.405   1.00 21.73 ? 3   DT  A C7    1 
ATOM   61  C C6    . DT  A 1 3 ? 0.200   4.600   6.166   1.00 20.97 ? 3   DT  A C6    1 
ATOM   62  P P     . DA  A 1 4 ? -5.097  5.603   6.501   1.00 56.87 ? 4   DA  A P     1 
ATOM   63  O OP1   . DA  A 1 4 ? -6.448  6.024   6.939   1.00 53.55 ? 4   DA  A OP1   1 
ATOM   64  O OP2   . DA  A 1 4 ? -4.656  4.194   6.687   1.00 46.94 ? 4   DA  A OP2   1 
ATOM   65  O "O5'" . DA  A 1 4 ? -4.921  5.996   4.961   1.00 48.52 ? 4   DA  A "O5'" 1 
ATOM   66  C "C5'" . DA  A 1 4 ? -5.270  7.295   4.475   1.00 30.37 ? 4   DA  A "C5'" 1 
ATOM   67  C "C4'" . DA  A 1 4 ? -4.673  7.571   3.124   1.00 16.69 ? 4   DA  A "C4'" 1 
ATOM   68  O "O4'" . DA  A 1 4 ? -3.247  7.274   3.080   1.00 19.46 ? 4   DA  A "O4'" 1 
ATOM   69  C "C3'" . DA  A 1 4 ? -5.240  6.723   2.002   1.00 25.77 ? 4   DA  A "C3'" 1 
ATOM   70  O "O3'" . DA  A 1 4 ? -6.452  7.269   1.511   1.00 23.29 ? 4   DA  A "O3'" 1 
ATOM   71  C "C2'" . DA  A 1 4 ? -4.140  6.739   0.960   1.00 25.32 ? 4   DA  A "C2'" 1 
ATOM   72  C "C1'" . DA  A 1 4 ? -2.883  6.740   1.800   1.00 21.03 ? 4   DA  A "C1'" 1 
ATOM   73  N N9    . DA  A 1 4 ? -2.272  5.412   2.031   1.00 21.68 ? 4   DA  A N9    1 
ATOM   74  C C8    . DA  A 1 4 ? -2.304  4.632   3.150   1.00 21.35 ? 4   DA  A C8    1 
ATOM   75  N N7    . DA  A 1 4 ? -1.657  3.504   3.041   1.00 22.37 ? 4   DA  A N7    1 
ATOM   76  C C5    . DA  A 1 4 ? -1.165  3.544   1.744   1.00 21.38 ? 4   DA  A C5    1 
ATOM   77  C C6    . DA  A 1 4 ? -0.388  2.604   1.040   1.00 24.75 ? 4   DA  A C6    1 
ATOM   78  N N6    . DA  A 1 4 ? 0.032   1.445   1.527   1.00 19.91 ? 4   DA  A N6    1 
ATOM   79  N N1    . DA  A 1 4 ? -0.062  2.931   -0.225  1.00 19.36 ? 4   DA  A N1    1 
ATOM   80  C C2    . DA  A 1 4 ? -0.491  4.087   -0.686  1.00 22.07 ? 4   DA  A C2    1 
ATOM   81  N N3    . DA  A 1 4 ? -1.224  5.071   -0.156  1.00 20.82 ? 4   DA  A N3    1 
ATOM   82  C C4    . DA  A 1 4 ? -1.532  4.707   1.108   1.00 23.41 ? 4   DA  A C4    1 
ATOM   83  P P     . DT  A 1 5 ? -7.536  6.310   0.809   1.00 27.05 ? 5   DT  A P     1 
ATOM   84  O OP1   . DT  A 1 5 ? -8.729  7.150   0.560   1.00 28.18 ? 5   DT  A OP1   1 
ATOM   85  O OP2   . DT  A 1 5 ? -7.658  5.045   1.591   1.00 23.87 ? 5   DT  A OP2   1 
ATOM   86  O "O5'" . DT  A 1 5 ? -6.849  5.939   -0.565  1.00 29.25 ? 5   DT  A "O5'" 1 
ATOM   87  C "C5'" . DT  A 1 5 ? -6.743  6.843   -1.665  1.00 29.05 ? 5   DT  A "C5'" 1 
ATOM   88  C "C4'" . DT  A 1 5 ? -5.856  6.227   -2.714  1.00 24.44 ? 5   DT  A "C4'" 1 
ATOM   89  O "O4'" . DT  A 1 5 ? -4.573  5.823   -2.215  1.00 24.79 ? 5   DT  A "O4'" 1 
ATOM   90  C "C3'" . DT  A 1 5 ? -6.402  4.920   -3.278  1.00 24.02 ? 5   DT  A "C3'" 1 
ATOM   91  O "O3'" . DT  A 1 5 ? -7.521  5.208   -4.107  1.00 23.08 ? 5   DT  A "O3'" 1 
ATOM   92  C "C2'" . DT  A 1 5 ? -5.171  4.364   -3.957  1.00 21.17 ? 5   DT  A "C2'" 1 
ATOM   93  C "C1'" . DT  A 1 5 ? -4.086  4.704   -2.949  1.00 30.45 ? 5   DT  A "C1'" 1 
ATOM   94  N N1    . DT  A 1 5 ? -3.775  3.604   -2.000  1.00 19.69 ? 5   DT  A N1    1 
ATOM   95  C C2    . DT  A 1 5 ? -2.894  2.630   -2.363  1.00 22.32 ? 5   DT  A C2    1 
ATOM   96  O O2    . DT  A 1 5 ? -2.302  2.573   -3.427  1.00 22.21 ? 5   DT  A O2    1 
ATOM   97  N N3    . DT  A 1 5 ? -2.679  1.658   -1.414  1.00 20.89 ? 5   DT  A N3    1 
ATOM   98  C C4    . DT  A 1 5 ? -3.287  1.611   -0.165  1.00 17.60 ? 5   DT  A C4    1 
ATOM   99  O O4    . DT  A 1 5 ? -2.987  0.674   0.572   1.00 22.44 ? 5   DT  A O4    1 
ATOM   100 C C5    . DT  A 1 5 ? -4.203  2.663   0.144   1.00 19.62 ? 5   DT  A C5    1 
ATOM   101 C C7    . DT  A 1 5 ? -4.907  2.693   1.469   1.00 26.32 ? 5   DT  A C7    1 
ATOM   102 C C6    . DT  A 1 5 ? -4.416  3.614   -0.778  1.00 19.77 ? 5   DT  A C6    1 
ATOM   103 P P     . DA  A 1 6 ? -8.564  4.083   -4.518  1.00 27.37 ? 6   DA  A P     1 
ATOM   104 O OP1   . DA  A 1 6 ? -9.679  4.697   -5.263  1.00 28.78 ? 6   DA  A OP1   1 
ATOM   105 O OP2   . DA  A 1 6 ? -8.890  3.215   -3.349  1.00 32.01 ? 6   DA  A OP2   1 
ATOM   106 O "O5'" . DA  A 1 6 ? -7.724  3.158   -5.499  1.00 27.57 ? 6   DA  A "O5'" 1 
ATOM   107 C "C5'" . DA  A 1 6 ? -7.133  3.615   -6.722  1.00 27.96 ? 6   DA  A "C5'" 1 
ATOM   108 C "C4'" A DA  A 1 6 ? -6.500  2.355   -7.282  0.35 28.52 ? 6   DA  A "C4'" 1 
ATOM   109 C "C4'" B DA  A 1 6 ? -6.365  2.521   -7.414  0.65 26.92 ? 6   DA  A "C4'" 1 
ATOM   110 O "O4'" . DA  A 1 6 ? -5.201  2.128   -6.682  1.00 24.35 ? 6   DA  A "O4'" 1 
ATOM   111 C "C3'" A DA  A 1 6 ? -7.268  1.078   -7.002  0.35 32.58 ? 6   DA  A "C3'" 1 
ATOM   112 C "C3'" B DA  A 1 6 ? -7.181  1.229   -7.584  0.65 34.09 ? 6   DA  A "C3'" 1 
ATOM   113 O "O3'" A DA  A 1 6 ? -8.426  0.907   -7.802  0.35 35.06 ? 6   DA  A "O3'" 1 
ATOM   114 O "O3'" B DA  A 1 6 ? -7.728  1.271   -8.895  0.65 41.37 ? 6   DA  A "O3'" 1 
ATOM   115 C "C2'" A DA  A 1 6 ? -6.198  0.047   -7.320  0.35 33.94 ? 6   DA  A "C2'" 1 
ATOM   116 C "C2'" B DA  A 1 6 ? -6.213  0.107   -7.338  0.65 35.00 ? 6   DA  A "C2'" 1 
ATOM   117 C "C1'" . DA  A 1 6 ? -5.021  0.720   -6.658  1.00 26.61 ? 6   DA  A "C1'" 1 
ATOM   118 N N9    . DA  A 1 6 ? -4.888  0.319   -5.240  1.00 22.54 ? 6   DA  A N9    1 
ATOM   119 C C8    . DA  A 1 6 ? -5.525  0.826   -4.142  1.00 24.29 ? 6   DA  A C8    1 
ATOM   120 N N7    . DA  A 1 6 ? -5.162  0.223   -3.037  1.00 17.28 ? 6   DA  A N7    1 
ATOM   121 C C5    . DA  A 1 6 ? -4.251  -0.712  -3.445  1.00 14.87 ? 6   DA  A C5    1 
ATOM   122 C C6    . DA  A 1 6 ? -3.495  -1.672  -2.764  1.00 21.24 ? 6   DA  A C6    1 
ATOM   123 N N6    . DA  A 1 6 ? -3.604  -1.792  -1.426  1.00 22.08 ? 6   DA  A N6    1 
ATOM   124 N N1    . DA  A 1 6 ? -2.676  -2.453  -3.490  1.00 19.88 ? 6   DA  A N1    1 
ATOM   125 C C2    . DA  A 1 6 ? -2.593  -2.305  -4.825  1.00 24.04 ? 6   DA  A C2    1 
ATOM   126 N N3    . DA  A 1 6 ? -3.261  -1.428  -5.569  1.00 20.51 ? 6   DA  A N3    1 
ATOM   127 C C4    . DA  A 1 6 ? -4.064  -0.673  -4.815  1.00 18.05 ? 6   DA  A C4    1 
ATOM   128 P P     A DC  A 1 7 ? -9.275  -0.452  -7.842  0.35 29.57 ? 7   DC  A P     1 
ATOM   129 P P     B DC  A 1 7 ? -8.405  0.107   -9.745  0.65 31.17 ? 7   DC  A P     1 
ATOM   130 O OP1   A DC  A 1 7 ? -10.214 -0.335  -8.993  0.35 39.06 ? 7   DC  A OP1   1 
ATOM   131 O OP1   B DC  A 1 7 ? -8.403  0.556   -11.167 0.65 29.82 ? 7   DC  A OP1   1 
ATOM   132 O OP2   A DC  A 1 7 ? -9.853  -0.668  -6.475  0.35 15.14 ? 7   DC  A OP2   1 
ATOM   133 O OP2   B DC  A 1 7 ? -9.675  -0.269  -9.084  0.65 30.07 ? 7   DC  A OP2   1 
ATOM   134 O "O5'" A DC  A 1 7 ? -8.278  -1.636  -8.111  0.35 21.06 ? 7   DC  A "O5'" 1 
ATOM   135 O "O5'" B DC  A 1 7 ? -7.376  -1.108  -9.620  0.65 25.46 ? 7   DC  A "O5'" 1 
ATOM   136 C "C5'" A DC  A 1 7 ? -7.906  -2.339  -9.292  0.35 22.17 ? 7   DC  A "C5'" 1 
ATOM   137 C "C5'" B DC  A 1 7 ? -7.925  -2.384  -9.271  0.65 21.13 ? 7   DC  A "C5'" 1 
ATOM   138 C "C4'" . DC  A 1 7 ? -6.821  -3.353  -8.985  1.00 24.27 ? 7   DC  A "C4'" 1 
ATOM   139 O "O4'" . DC  A 1 7 ? -5.961  -2.856  -7.932  1.00 24.88 ? 7   DC  A "O4'" 1 
ATOM   140 C "C3'" . DC  A 1 7 ? -7.321  -4.704  -8.497  1.00 22.28 ? 7   DC  A "C3'" 1 
ATOM   141 O "O3'" . DC  A 1 7 ? -7.622  -5.542  -9.614  1.00 24.27 ? 7   DC  A "O3'" 1 
ATOM   142 C "C2'" . DC  A 1 7 ? -6.186  -5.219  -7.658  1.00 20.34 ? 7   DC  A "C2'" 1 
ATOM   143 C "C1'" . DC  A 1 7 ? -5.541  -3.967  -7.137  1.00 26.03 ? 7   DC  A "C1'" 1 
ATOM   144 N N1    . DC  A 1 7 ? -5.913  -3.649  -5.721  1.00 19.43 ? 7   DC  A N1    1 
ATOM   145 C C2    . DC  A 1 7 ? -5.250  -4.346  -4.720  1.00 18.28 ? 7   DC  A C2    1 
ATOM   146 O O2    . DC  A 1 7 ? -4.392  -5.192  -5.008  1.00 21.39 ? 7   DC  A O2    1 
ATOM   147 N N3    . DC  A 1 7 ? -5.585  -4.061  -3.428  1.00 16.81 ? 7   DC  A N3    1 
ATOM   148 C C4    . DC  A 1 7 ? -6.516  -3.143  -3.189  1.00 17.17 ? 7   DC  A C4    1 
ATOM   149 N N4    . DC  A 1 7 ? -6.824  -2.883  -1.908  1.00 19.92 ? 7   DC  A N4    1 
ATOM   150 C C5    . DC  A 1 7 ? -7.205  -2.424  -4.199  1.00 18.22 ? 7   DC  A C5    1 
ATOM   151 C C6    . DC  A 1 7 ? -6.864  -2.711  -5.477  1.00 21.31 ? 7   DC  A C6    1 
ATOM   152 P P     . DC  A 1 8 ? -8.853  -6.565  -9.498  1.00 26.67 ? 8   DC  A P     1 
ATOM   153 O OP1   . DC  A 1 8 ? -8.953  -7.268  -10.827 1.00 34.22 ? 8   DC  A OP1   1 
ATOM   154 O OP2   . DC  A 1 8 ? -10.037 -5.836  -9.020  1.00 27.99 ? 8   DC  A OP2   1 
ATOM   155 O "O5'" . DC  A 1 8 ? -8.375  -7.633  -8.445  1.00 26.39 ? 8   DC  A "O5'" 1 
ATOM   156 C "C5'" . DC  A 1 8 ? -7.526  -8.732  -8.792  1.00 21.54 ? 8   DC  A "C5'" 1 
ATOM   157 C "C4'" . DC  A 1 8 ? -7.291  -9.598  -7.596  1.00 24.74 ? 8   DC  A "C4'" 1 
ATOM   158 O "O4'" . DC  A 1 8 ? -6.547  -8.781  -6.627  1.00 26.67 ? 8   DC  A "O4'" 1 
ATOM   159 C "C3'" . DC  A 1 8 ? -8.468  -10.080 -6.781  1.00 30.49 ? 8   DC  A "C3'" 1 
ATOM   160 O "O3'" . DC  A 1 8 ? -9.127  -11.180 -7.391  1.00 26.11 ? 8   DC  A "O3'" 1 
ATOM   161 C "C2'" . DC  A 1 8 ? -7.804  -10.452 -5.467  1.00 28.30 ? 8   DC  A "C2'" 1 
ATOM   162 C "C1'" . DC  A 1 8 ? -6.719  -9.393  -5.364  1.00 25.84 ? 8   DC  A "C1'" 1 
ATOM   163 N N1    . DC  A 1 8 ? -7.096  -8.352  -4.385  1.00 20.69 ? 8   DC  A N1    1 
ATOM   164 C C2    . DC  A 1 8 ? -6.840  -8.625  -3.033  1.00 22.11 ? 8   DC  A C2    1 
ATOM   165 O O2    . DC  A 1 8 ? -6.318  -9.704  -2.759  1.00 26.00 ? 8   DC  A O2    1 
ATOM   166 N N3    . DC  A 1 8 ? -7.175  -7.689  -2.119  1.00 16.20 ? 8   DC  A N3    1 
ATOM   167 C C4    . DC  A 1 8 ? -7.737  -6.556  -2.505  1.00 21.77 ? 8   DC  A C4    1 
ATOM   168 N N4    . DC  A 1 8 ? -8.067  -5.636  -1.584  1.00 26.10 ? 8   DC  A N4    1 
ATOM   169 C C5    . DC  A 1 8 ? -8.009  -6.260  -3.879  1.00 21.01 ? 8   DC  A C5    1 
ATOM   170 C C6    . DC  A 1 8 ? -7.669  -7.187  -4.772  1.00 22.34 ? 8   DC  A C6    1 
ATOM   171 O "O5'" . DG  B 1 1 ? -7.053  -8.157  8.175   1.00 38.32 ? 1   DG  B "O5'" 1 
ATOM   172 C "C5'" . DG  B 1 1 ? -5.719  -8.672  8.432   1.00 29.04 ? 1   DG  B "C5'" 1 
ATOM   173 C "C4'" . DG  B 1 1 ? -5.370  -9.739  7.423   1.00 28.45 ? 1   DG  B "C4'" 1 
ATOM   174 O "O4'" . DG  B 1 1 ? -6.479  -10.088 6.549   1.00 29.65 ? 1   DG  B "O4'" 1 
ATOM   175 C "C3'" . DG  B 1 1 ? -4.280  -9.334  6.442   1.00 24.16 ? 1   DG  B "C3'" 1 
ATOM   176 O "O3'" . DG  B 1 1 ? -3.005  -9.357  7.073   1.00 25.51 ? 1   DG  B "O3'" 1 
ATOM   177 C "C2'" . DG  B 1 1 ? -4.480  -10.356 5.334   1.00 29.23 ? 1   DG  B "C2'" 1 
ATOM   178 C "C1'" . DG  B 1 1 ? -5.990  -10.237 5.215   1.00 27.38 ? 1   DG  B "C1'" 1 
ATOM   179 N N9    . DG  B 1 1 ? -6.446  -9.077  4.435   1.00 23.37 ? 1   DG  B N9    1 
ATOM   180 C C8    . DG  B 1 1 ? -6.930  -7.887  4.913   1.00 20.90 ? 1   DG  B C8    1 
ATOM   181 N N7    . DG  B 1 1 ? -7.255  -7.053  3.969   1.00 22.93 ? 1   DG  B N7    1 
ATOM   182 C C5    . DG  B 1 1 ? -6.964  -7.740  2.796   1.00 19.44 ? 1   DG  B C5    1 
ATOM   183 C C6    . DG  B 1 1 ? -7.118  -7.319  1.458   1.00 18.34 ? 1   DG  B C6    1 
ATOM   184 O O6    . DG  B 1 1 ? -7.545  -6.242  1.060   1.00 22.48 ? 1   DG  B O6    1 
ATOM   185 N N1    . DG  B 1 1 ? -6.705  -8.319  0.578   1.00 19.93 ? 1   DG  B N1    1 
ATOM   186 C C2    . DG  B 1 1 ? -6.217  -9.545  0.943   1.00 21.29 ? 1   DG  B C2    1 
ATOM   187 N N2    . DG  B 1 1 ? -5.859  -10.407 -0.026  1.00 27.02 ? 1   DG  B N2    1 
ATOM   188 N N3    . DG  B 1 1 ? -6.067  -9.954  2.199   1.00 22.71 ? 1   DG  B N3    1 
ATOM   189 C C4    . DG  B 1 1 ? -6.467  -8.986  3.058   1.00 21.02 ? 1   DG  B C4    1 
ATOM   190 P P     . DG  B 1 2 ? -1.754  -8.664  6.348   1.00 25.47 ? 2   DG  B P     1 
ATOM   191 O OP1   . DG  B 1 2 ? -0.574  -8.837  7.217   1.00 31.24 ? 2   DG  B OP1   1 
ATOM   192 O OP2   . DG  B 1 2 ? -2.199  -7.342  5.851   1.00 25.12 ? 2   DG  B OP2   1 
ATOM   193 O "O5'" . DG  B 1 2 ? -1.547  -9.636  5.099   1.00 29.45 ? 2   DG  B "O5'" 1 
ATOM   194 C "C5'" . DG  B 1 2 ? -0.665  -9.226  4.050   1.00 29.38 ? 2   DG  B "C5'" 1 
ATOM   195 C "C4'" . DG  B 1 2 ? -0.937  -10.088 2.842   1.00 23.71 ? 2   DG  B "C4'" 1 
ATOM   196 O "O4'" . DG  B 1 2 ? -2.355  -10.060 2.591   1.00 25.47 ? 2   DG  B "O4'" 1 
ATOM   197 C "C3'" . DG  B 1 2 ? -0.255  -9.625  1.569   1.00 25.65 ? 2   DG  B "C3'" 1 
ATOM   198 O "O3'" . DG  B 1 2 ? 0.916   -10.406 1.330   1.00 27.57 ? 2   DG  B "O3'" 1 
ATOM   199 C "C2'" . DG  B 1 2 ? -1.299  -9.805  0.499   1.00 24.53 ? 2   DG  B "C2'" 1 
ATOM   200 C "C1'" . DG  B 1 2 ? -2.606  -9.698  1.236   1.00 26.48 ? 2   DG  B "C1'" 1 
ATOM   201 N N9    . DG  B 1 2 ? -3.196  -8.338  1.262   1.00 25.41 ? 2   DG  B N9    1 
ATOM   202 C C8    . DG  B 1 2 ? -3.480  -7.575  2.373   1.00 22.04 ? 2   DG  B C8    1 
ATOM   203 N N7    . DG  B 1 2 ? -3.993  -6.421  2.089   1.00 18.02 ? 2   DG  B N7    1 
ATOM   204 C C5    . DG  B 1 2 ? -4.049  -6.433  0.695   1.00 17.62 ? 2   DG  B C5    1 
ATOM   205 C C6    . DG  B 1 2 ? -4.529  -5.414  -0.148  1.00 16.68 ? 2   DG  B C6    1 
ATOM   206 O O6    . DG  B 1 2 ? -4.999  -4.307  0.118   1.00 19.81 ? 2   DG  B O6    1 
ATOM   207 N N1    . DG  B 1 2 ? -4.416  -5.811  -1.477  1.00 18.61 ? 2   DG  B N1    1 
ATOM   208 C C2    . DG  B 1 2 ? -3.910  -7.016  -1.892  1.00 16.97 ? 2   DG  B C2    1 
ATOM   209 N N2    . DG  B 1 2 ? -3.898  -7.179  -3.228  1.00 20.79 ? 2   DG  B N2    1 
ATOM   210 N N3    . DG  B 1 2 ? -3.457  -7.979  -1.120  1.00 19.53 ? 2   DG  B N3    1 
ATOM   211 C C4    . DG  B 1 2 ? -3.563  -7.602  0.178   1.00 24.81 ? 2   DG  B C4    1 
ATOM   212 P P     . DT  B 1 3 ? 2.211   -9.703  0.684   1.00 28.60 ? 3   DT  B P     1 
ATOM   213 O OP1   . DT  B 1 3 ? 3.307   -10.688 0.712   1.00 34.70 ? 3   DT  B OP1   1 
ATOM   214 O OP2   . DT  B 1 3 ? 2.357   -8.386  1.388   1.00 32.02 ? 3   DT  B OP2   1 
ATOM   215 O "O5'" . DT  B 1 3 ? 1.791   -9.393  -0.820  1.00 28.59 ? 3   DT  B "O5'" 1 
ATOM   216 C "C5'" . DT  B 1 3 ? 1.306   -10.438 -1.679  1.00 39.96 ? 3   DT  B "C5'" 1 
ATOM   217 C "C4'" . DT  B 1 3 ? 0.987   -9.820  -3.020  1.00 36.54 ? 3   DT  B "C4'" 1 
ATOM   218 O "O4'" . DT  B 1 3 ? -0.282  -9.140  -2.960  1.00 25.74 ? 3   DT  B "O4'" 1 
ATOM   219 C "C3'" . DT  B 1 3 ? 1.984   -8.776  -3.447  1.00 37.77 ? 3   DT  B "C3'" 1 
ATOM   220 O "O3'" . DT  B 1 3 ? 3.037   -9.332  -4.237  1.00 29.17 ? 3   DT  B "O3'" 1 
ATOM   221 C "C2'" . DT  B 1 3 ? 1.186   -7.787  -4.266  1.00 35.51 ? 3   DT  B "C2'" 1 
ATOM   222 C "C1'" . DT  B 1 3 ? -0.205  -7.933  -3.709  1.00 25.96 ? 3   DT  B "C1'" 1 
ATOM   223 N N1    . DT  B 1 3 ? -0.597  -6.855  -2.764  1.00 20.21 ? 3   DT  B N1    1 
ATOM   224 C C2    . DT  B 1 3 ? -1.205  -5.761  -3.324  1.00 22.04 ? 3   DT  B C2    1 
ATOM   225 O O2    . DT  B 1 3 ? -1.401  -5.693  -4.523  1.00 33.18 ? 3   DT  B O2    1 
ATOM   226 N N3    . DT  B 1 3 ? -1.567  -4.765  -2.450  1.00 18.17 ? 3   DT  B N3    1 
ATOM   227 C C4    . DT  B 1 3 ? -1.369  -4.804  -1.078  1.00 23.99 ? 3   DT  B C4    1 
ATOM   228 O O4    . DT  B 1 3 ? -1.733  -3.858  -0.397  1.00 20.56 ? 3   DT  B O4    1 
ATOM   229 C C5    . DT  B 1 3 ? -0.722  -5.987  -0.563  1.00 30.51 ? 3   DT  B C5    1 
ATOM   230 C C7    . DT  B 1 3 ? -0.483  -6.073  0.908   1.00 37.84 ? 3   DT  B C7    1 
ATOM   231 C C6    . DT  B 1 3 ? -0.362  -6.962  -1.417  1.00 24.68 ? 3   DT  B C6    1 
ATOM   232 P P     . DA  B 1 4 ? 4.398   -8.485  -4.205  1.00 33.11 ? 4   DA  B P     1 
ATOM   233 O OP1   . DA  B 1 4 ? 5.409   -9.255  -4.992  1.00 41.85 ? 4   DA  B OP1   1 
ATOM   234 O OP2   . DA  B 1 4 ? 4.688   -8.152  -2.782  1.00 34.59 ? 4   DA  B OP2   1 
ATOM   235 O "O5'" . DA  B 1 4 ? 4.080   -7.155  -5.000  1.00 31.22 ? 4   DA  B "O5'" 1 
ATOM   236 C "C5'" . DA  B 1 4 ? 4.379   -5.833  -4.540  1.00 33.86 ? 4   DA  B "C5'" 1 
ATOM   237 C "C4'" . DA  B 1 4 ? 3.756   -4.804  -5.453  1.00 28.91 ? 4   DA  B "C4'" 1 
ATOM   238 O "O4'" . DA  B 1 4 ? 2.335   -4.774  -5.141  1.00 28.25 ? 4   DA  B "O4'" 1 
ATOM   239 C "C3'" . DA  B 1 4 ? 4.182   -3.362  -5.321  1.00 27.13 ? 4   DA  B "C3'" 1 
ATOM   240 O "O3'" . DA  B 1 4 ? 5.240   -2.995  -6.195  1.00 31.53 ? 4   DA  B "O3'" 1 
ATOM   241 C "C2'" . DA  B 1 4 ? 2.934   -2.585  -5.694  1.00 24.93 ? 4   DA  B "C2'" 1 
ATOM   242 C "C1'" . DA  B 1 4 ? 1.827   -3.459  -5.134  1.00 24.67 ? 4   DA  B "C1'" 1 
ATOM   243 N N9    . DA  B 1 4 ? 1.400   -3.125  -3.737  1.00 20.47 ? 4   DA  B N9    1 
ATOM   244 C C8    . DA  B 1 4 ? 1.668   -3.813  -2.596  1.00 19.52 ? 4   DA  B C8    1 
ATOM   245 N N7    . DA  B 1 4 ? 1.159   -3.277  -1.520  1.00 22.64 ? 4   DA  B N7    1 
ATOM   246 C C5    . DA  B 1 4 ? 0.503   -2.153  -2.005  1.00 21.08 ? 4   DA  B C5    1 
ATOM   247 C C6    . DA  B 1 4 ? -0.241  -1.158  -1.356  1.00 22.31 ? 4   DA  B C6    1 
ATOM   248 N N6    . DA  B 1 4 ? -0.435  -1.170  -0.036  1.00 21.90 ? 4   DA  B N6    1 
ATOM   249 N N1    . DA  B 1 4 ? -0.788  -0.151  -2.059  1.00 20.91 ? 4   DA  B N1    1 
ATOM   250 C C2    . DA  B 1 4 ? -0.573  -0.166  -3.387  1.00 28.89 ? 4   DA  B C2    1 
ATOM   251 N N3    . DA  B 1 4 ? 0.113   -1.055  -4.104  1.00 20.12 ? 4   DA  B N3    1 
ATOM   252 C C4    . DA  B 1 4 ? 0.641   -2.041  -3.386  1.00 15.93 ? 4   DA  B C4    1 
ATOM   253 P P     . DT  B 1 5 ? 6.265   -1.801  -5.855  1.00 30.33 ? 5   DT  B P     1 
ATOM   254 O OP1   . DT  B 1 5 ? 7.365   -1.875  -6.866  1.00 46.95 ? 5   DT  B OP1   1 
ATOM   255 O OP2   . DT  B 1 5 ? 6.658   -1.959  -4.427  1.00 29.21 ? 5   DT  B OP2   1 
ATOM   256 O "O5'" . DT  B 1 5 ? 5.502   -0.477  -6.061  1.00 27.31 ? 5   DT  B "O5'" 1 
ATOM   257 C "C5'" . DT  B 1 5 ? 4.944   -0.034  -7.304  1.00 33.07 ? 5   DT  B "C5'" 1 
ATOM   258 C "C4'" . DT  B 1 5 ? 4.134   1.186   -7.012  1.00 31.07 ? 5   DT  B "C4'" 1 
ATOM   259 O "O4'" . DT  B 1 5 ? 2.976   0.834   -6.216  1.00 32.30 ? 5   DT  B "O4'" 1 
ATOM   260 C "C3'" . DT  B 1 5 ? 4.809   2.252   -6.159  1.00 38.98 ? 5   DT  B "C3'" 1 
ATOM   261 O "O3'" . DT  B 1 5 ? 5.849   2.892   -6.878  1.00 37.81 ? 5   DT  B "O3'" 1 
ATOM   262 C "C2'" . DT  B 1 5 ? 3.591   3.095   -5.843  1.00 37.01 ? 5   DT  B "C2'" 1 
ATOM   263 C "C1'" . DT  B 1 5 ? 2.602   2.010   -5.476  1.00 34.24 ? 5   DT  B "C1'" 1 
ATOM   264 N N1    . DT  B 1 5 ? 2.555   1.566   -4.053  1.00 22.76 ? 5   DT  B N1    1 
ATOM   265 C C2    . DT  B 1 5 ? 1.690   2.230   -3.224  1.00 24.71 ? 5   DT  B C2    1 
ATOM   266 O O2    . DT  B 1 5 ? 0.977   3.153   -3.596  1.00 27.45 ? 5   DT  B O2    1 
ATOM   267 N N3    . DT  B 1 5 ? 1.701   1.760   -1.936  1.00 21.63 ? 5   DT  B N3    1 
ATOM   268 C C4    . DT  B 1 5 ? 2.451   0.741   -1.404  1.00 20.86 ? 5   DT  B C4    1 
ATOM   269 O O4    . DT  B 1 5 ? 2.363   0.417   -0.219  1.00 24.27 ? 5   DT  B O4    1 
ATOM   270 C C5    . DT  B 1 5 ? 3.333   0.088   -2.346  1.00 19.75 ? 5   DT  B C5    1 
ATOM   271 C C7    . DT  B 1 5 ? 4.175   -1.022  -1.839  1.00 24.43 ? 5   DT  B C7    1 
ATOM   272 C C6    . DT  B 1 5 ? 3.334   0.536   -3.612  1.00 19.37 ? 5   DT  B C6    1 
ATOM   273 P P     . DA  B 1 6 ? 6.977   3.768   -6.144  1.00 52.79 ? 6   DA  B P     1 
ATOM   274 O OP1   . DA  B 1 6 ? 7.827   4.382   -7.201  1.00 64.78 ? 6   DA  B OP1   1 
ATOM   275 O OP2   . DA  B 1 6 ? 7.586   2.969   -5.062  1.00 42.21 ? 6   DA  B OP2   1 
ATOM   276 O "O5'" . DA  B 1 6 ? 6.096   4.929   -5.486  1.00 37.31 ? 6   DA  B "O5'" 1 
ATOM   277 C "C5'" . DA  B 1 6 ? 5.433   5.882   -6.322  1.00 32.81 ? 6   DA  B "C5'" 1 
ATOM   278 C "C4'" . DA  B 1 6 ? 4.594   6.817   -5.486  1.00 39.26 ? 6   DA  B "C4'" 1 
ATOM   279 O "O4'" . DA  B 1 6 ? 3.539   6.030   -4.844  1.00 44.21 ? 6   DA  B "O4'" 1 
ATOM   280 C "C3'" . DA  B 1 6 ? 5.201   7.526   -4.291  1.00 33.53 ? 6   DA  B "C3'" 1 
ATOM   281 O "O3'" . DA  B 1 6 ? 6.018   8.632   -4.624  1.00 33.50 ? 6   DA  B "O3'" 1 
ATOM   282 C "C2'" . DA  B 1 6 ? 3.945   7.975   -3.569  1.00 29.44 ? 6   DA  B "C2'" 1 
ATOM   283 C "C1'" . DA  B 1 6 ? 3.083   6.744   -3.692  1.00 40.38 ? 6   DA  B "C1'" 1 
ATOM   284 N N9    . DA  B 1 6 ? 3.172   5.801   -2.558  1.00 34.56 ? 6   DA  B N9    1 
ATOM   285 C C8    . DA  B 1 6 ? 3.910   4.653   -2.530  1.00 26.72 ? 6   DA  B C8    1 
ATOM   286 N N7    . DA  B 1 6 ? 3.827   3.986   -1.413  1.00 31.81 ? 6   DA  B N7    1 
ATOM   287 C C5    . DA  B 1 6 ? 2.966   4.783   -0.672  1.00 28.07 ? 6   DA  B C5    1 
ATOM   288 C C6    . DA  B 1 6 ? 2.485   4.585   0.651   1.00 19.12 ? 6   DA  B C6    1 
ATOM   289 N N6    . DA  B 1 6 ? 2.918   3.490   1.258   1.00 21.97 ? 6   DA  B N6    1 
ATOM   290 N N1    . DA  B 1 6 ? 1.662   5.517   1.119   1.00 21.64 ? 6   DA  B N1    1 
ATOM   291 C C2    . DA  B 1 6 ? 1.314   6.585   0.373   1.00 29.54 ? 6   DA  B C2    1 
ATOM   292 N N3    . DA  B 1 6 ? 1.716   6.855   -0.883  1.00 29.51 ? 6   DA  B N3    1 
ATOM   293 C C4    . DA  B 1 6 ? 2.546   5.903   -1.341  1.00 23.72 ? 6   DA  B C4    1 
ATOM   294 P P     . DC  B 1 7 ? 7.189   9.176   -3.687  1.00 33.01 ? 7   DC  B P     1 
ATOM   295 O OP1   . DC  B 1 7 ? 7.860   10.277  -4.440  1.00 35.96 ? 7   DC  B OP1   1 
ATOM   296 O OP2   . DC  B 1 7 ? 8.006   8.021   -3.227  1.00 33.31 ? 7   DC  B OP2   1 
ATOM   297 O "O5'" . DC  B 1 7 ? 6.489   9.805   -2.405  1.00 31.36 ? 7   DC  B "O5'" 1 
ATOM   298 C "C5'" . DC  B 1 7 ? 5.606   10.934  -2.431  1.00 25.22 ? 7   DC  B "C5'" 1 
ATOM   299 C "C4'" . DC  B 1 7 ? 4.764   11.012  -1.177  1.00 31.16 ? 7   DC  B "C4'" 1 
ATOM   300 O "O4'" . DC  B 1 7 ? 3.959   9.818   -0.988  1.00 30.20 ? 7   DC  B "O4'" 1 
ATOM   301 C "C3'" . DC  B 1 7 ? 5.526   11.089  0.137   1.00 23.08 ? 7   DC  B "C3'" 1 
ATOM   302 O "O3'" . DC  B 1 7 ? 5.999   12.403  0.381   1.00 25.62 ? 7   DC  B "O3'" 1 
ATOM   303 C "C2'" . DC  B 1 7 ? 4.501   10.650  1.159   1.00 15.27 ? 7   DC  B "C2'" 1 
ATOM   304 C "C1'" . DC  B 1 7 ? 3.830   9.524   0.396   1.00 26.69 ? 7   DC  B "C1'" 1 
ATOM   305 N N1    . DC  B 1 7 ? 4.445   8.204   0.633   1.00 23.48 ? 7   DC  B N1    1 
ATOM   306 C C2    . DC  B 1 7 ? 4.134   7.524   1.816   1.00 20.38 ? 7   DC  B C2    1 
ATOM   307 O O2    . DC  B 1 7 ? 3.347   8.074   2.612   1.00 20.27 ? 7   DC  B O2    1 
ATOM   308 N N3    . DC  B 1 7 ? 4.701   6.323   2.031   1.00 17.70 ? 7   DC  B N3    1 
ATOM   309 C C4    . DC  B 1 7 ? 5.534   5.787   1.138   1.00 24.59 ? 7   DC  B C4    1 
ATOM   310 N N4    . DC  B 1 7 ? 6.080   4.588   1.380   1.00 24.05 ? 7   DC  B N4    1 
ATOM   311 C C5    . DC  B 1 7 ? 5.859   6.471   -0.066  1.00 20.25 ? 7   DC  B C5    1 
ATOM   312 C C6    . DC  B 1 7 ? 5.299   7.665   -0.276  1.00 20.54 ? 7   DC  B C6    1 
ATOM   313 P P     . DC  B 1 8 ? 7.322   12.601  1.288   1.00 22.67 ? 8   DC  B P     1 
ATOM   314 O OP1   . DC  B 1 8 ? 7.572   14.072  1.244   1.00 27.30 ? 8   DC  B OP1   1 
ATOM   315 O OP2   . DC  B 1 8 ? 8.352   11.638  0.914   1.00 22.17 ? 8   DC  B OP2   1 
ATOM   316 O "O5'" . DC  B 1 8 ? 6.845   12.214  2.764   1.00 24.44 ? 8   DC  B "O5'" 1 
ATOM   317 C "C5'" . DC  B 1 8 ? 5.832   12.952  3.443   1.00 21.54 ? 8   DC  B "C5'" 1 
ATOM   318 C "C4'" . DC  B 1 8 ? 5.633   12.364  4.826   1.00 18.45 ? 8   DC  B "C4'" 1 
ATOM   319 O "O4'" . DC  B 1 8 ? 5.140   11.012  4.691   1.00 20.75 ? 8   DC  B "O4'" 1 
ATOM   320 C "C3'" . DC  B 1 8 ? 6.881   12.244  5.680   1.00 21.41 ? 8   DC  B "C3'" 1 
ATOM   321 O "O3'" . DC  B 1 8 ? 7.107   13.445  6.428   1.00 23.59 ? 8   DC  B "O3'" 1 
ATOM   322 C "C2'" . DC  B 1 8 ? 6.605   11.041  6.559   1.00 16.93 ? 8   DC  B "C2'" 1 
ATOM   323 C "C1'" . DC  B 1 8 ? 5.631   10.209  5.758   1.00 22.51 ? 8   DC  B "C1'" 1 
ATOM   324 N N1    . DC  B 1 8 ? 6.247   8.991   5.162   1.00 27.03 ? 8   DC  B N1    1 
ATOM   325 C C2    . DC  B 1 8 ? 6.345   7.844   5.945   1.00 20.11 ? 8   DC  B C2    1 
ATOM   326 O O2    . DC  B 1 8 ? 5.906   7.895   7.113   1.00 22.37 ? 8   DC  B O2    1 
ATOM   327 N N3    . DC  B 1 8 ? 6.893   6.701   5.452   1.00 21.89 ? 8   DC  B N3    1 
ATOM   328 C C4    . DC  B 1 8 ? 7.344   6.712   4.186   1.00 24.12 ? 8   DC  B C4    1 
ATOM   329 N N4    . DC  B 1 8 ? 7.889   5.591   3.696   1.00 21.95 ? 8   DC  B N4    1 
ATOM   330 C C5    . DC  B 1 8 ? 7.252   7.876   3.378   1.00 27.49 ? 8   DC  B C5    1 
ATOM   331 C C6    . DC  B 1 8 ? 6.704   8.994   3.874   1.00 29.87 ? 8   DC  B C6    1 
HETATM 332 N N1    A SPM C 2 . ? 6.806   0.877   -3.145  0.50 22.76 ? 20  SPM B N1    1 
HETATM 333 N N1    B SPM C 2 . ? 9.486   1.498   -1.624  0.50 22.76 ? 20  SPM B N1    1 
HETATM 334 C C2    A SPM C 2 . ? 7.734   0.582   -2.066  0.50 49.65 ? 20  SPM B C2    1 
HETATM 335 C C2    B SPM C 2 . ? 9.999   1.702   -3.028  0.50 49.65 ? 20  SPM B C2    1 
HETATM 336 C C3    A SPM C 2 . ? 7.536   -0.851  -1.639  0.50 49.68 ? 20  SPM B C3    1 
HETATM 337 C C3    B SPM C 2 . ? 11.194  0.826   -3.271  0.50 49.68 ? 20  SPM B C3    1 
HETATM 338 C C4    A SPM C 2 . ? 8.811   -1.641  -1.446  0.50 54.14 ? 20  SPM B C4    1 
HETATM 339 C C4    B SPM C 2 . ? 12.707  0.979   -3.280  0.50 54.14 ? 20  SPM B C4    1 
HETATM 340 N N5    A SPM C 2 . ? 8.626   -2.907  -0.638  0.50 57.90 ? 20  SPM B N5    1 
HETATM 341 N N5    B SPM C 2 . ? 13.857  1.856   -3.244  0.50 57.90 ? 20  SPM B N5    1 
HETATM 342 C C6    A SPM C 2 . ? 8.851   -4.188  -1.421  0.50 57.41 ? 20  SPM B C6    1 
HETATM 343 C C6    B SPM C 2 . ? 13.486  2.328   -1.828  0.50 57.41 ? 20  SPM B C6    1 
HETATM 344 C C7    A SPM C 2 . ? 9.859   -5.102  -0.759  0.50 57.57 ? 20  SPM B C7    1 
HETATM 345 C C7    B SPM C 2 . ? 13.111  1.169   -0.829  0.50 57.57 ? 20  SPM B C7    1 
HETATM 346 C C8    A SPM C 2 . ? 10.603  -4.415  0.365   0.50 55.44 ? 20  SPM B C8    1 
HETATM 347 C C8    B SPM C 2 . ? 14.623  0.832   -0.827  0.50 55.44 ? 20  SPM B C8    1 
HETATM 348 C C9    A SPM C 2 . ? 11.924  -3.819  -0.060  0.50 54.48 ? 20  SPM B C9    1 
HETATM 349 C C9    B SPM C 2 . ? 15.539  -0.037  0.046   0.50 54.48 ? 20  SPM B C9    1 
HETATM 350 N N10   A SPM C 2 . ? 11.870  -2.873  -1.233  0.50 55.84 ? 20  SPM B N10   1 
HETATM 351 N N10   B SPM C 2 . ? 15.624  -1.341  -0.580  0.50 55.84 ? 20  SPM B N10   1 
HETATM 352 C C11   A SPM C 2 . ? 13.199  -2.515  -1.848  0.50 54.91 ? 20  SPM B C11   1 
HETATM 353 C C11   B SPM C 2 . ? 14.914  -1.433  -1.963  0.50 54.91 ? 20  SPM B C11   1 
HETATM 354 C C12   A SPM C 2 . ? 14.257  -1.978  -0.930  0.50 57.84 ? 20  SPM B C12   1 
HETATM 355 C C12   B SPM C 2 . ? 15.406  -2.890  -2.270  0.50 57.84 ? 20  SPM B C12   1 
HETATM 356 C C13   A SPM C 2 . ? 14.406  -0.469  -0.908  0.50 61.22 ? 20  SPM B C13   1 
HETATM 357 C C13   B SPM C 2 . ? 16.532  -3.094  -2.958  0.50 61.22 ? 20  SPM B C13   1 
HETATM 358 N N14   A SPM C 2 . ? 15.465  -0.135  0.037   0.50 45.96 ? 20  SPM B N14   1 
HETATM 359 N N14   B SPM C 2 . ? 17.403  -2.157  -2.943  0.50 45.96 ? 20  SPM B N14   1 
HETATM 360 O O     . HOH D 3 . ? -1.691  6.884   -2.388  1.00 22.05 ? 102 HOH A O     1 
HETATM 361 O O     . HOH D 3 . ? -9.909  -3.720  -2.466  1.00 21.93 ? 103 HOH A O     1 
HETATM 362 O O     . HOH D 3 . ? -1.312  0.975   4.669   1.00 34.46 ? 104 HOH A O     1 
HETATM 363 O O     . HOH D 3 . ? -5.246  -12.854 -2.910  1.00 23.57 ? 105 HOH A O     1 
HETATM 364 O O     . HOH D 3 . ? -5.549  -0.922  0.946   1.00 34.93 ? 107 HOH A O     1 
HETATM 365 O O     . HOH D 3 . ? 5.717   0.186   5.771   1.00 33.52 ? 111 HOH A O     1 
HETATM 366 O O     . HOH D 3 . ? -10.145 -10.317 -9.740  1.00 25.35 ? 112 HOH A O     1 
HETATM 367 O O     . HOH D 3 . ? -6.453  0.430   -0.732  1.00 28.33 ? 113 HOH A O     1 
HETATM 368 O O     . HOH D 3 . ? 4.799   -3.563  9.031   1.00 39.02 ? 114 HOH A O     1 
HETATM 369 O O     . HOH D 3 . ? 3.903   0.135   3.753   1.00 30.38 ? 115 HOH A O     1 
HETATM 370 O O     . HOH D 3 . ? 6.101   4.627   12.143  1.00 34.69 ? 116 HOH A O     1 
HETATM 371 O O     . HOH D 3 . ? -0.231  -2.295  11.714  1.00 30.73 ? 117 HOH A O     1 
HETATM 372 O O     . HOH D 3 . ? -9.221  -1.135  -1.566  1.00 34.02 ? 118 HOH A O     1 
HETATM 373 O O     . HOH D 3 . ? -9.759  -3.703  -5.827  1.00 34.58 ? 122 HOH A O     1 
HETATM 374 O O     . HOH D 3 . ? -9.449  0.553   -4.222  1.00 30.49 ? 123 HOH A O     1 
HETATM 375 O O     . HOH D 3 . ? -10.343 -6.404  -6.341  1.00 27.42 ? 124 HOH A O     1 
HETATM 376 O O     . HOH D 3 . ? -7.864  2.782   -0.618  1.00 30.36 ? 125 HOH A O     1 
HETATM 377 O O     . HOH D 3 . ? -6.185  3.610   4.131   1.00 48.11 ? 126 HOH A O     1 
HETATM 378 O O     . HOH D 3 . ? 7.545   1.963   2.870   1.00 33.46 ? 129 HOH A O     1 
HETATM 379 O O     . HOH D 3 . ? -10.804 3.256   -8.449  1.00 44.59 ? 136 HOH A O     1 
HETATM 380 O O     . HOH D 3 . ? -0.067  -0.478  3.402   1.00 43.87 ? 139 HOH A O     1 
HETATM 381 O O     . HOH D 3 . ? -7.633  -13.378 -7.079  1.00 40.53 ? 140 HOH A O     1 
HETATM 382 O O     . HOH D 3 . ? -2.664  2.693   6.751   1.00 30.22 ? 143 HOH A O     1 
HETATM 383 O O     . HOH D 3 . ? -11.698 -2.950  -8.124  1.00 39.30 ? 144 HOH A O     1 
HETATM 384 O O     . HOH D 3 . ? 2.252   7.865   8.786   1.00 30.03 ? 145 HOH A O     1 
HETATM 385 O O     . HOH D 3 . ? -7.805  -1.793  -13.234 1.00 52.62 ? 148 HOH A O     1 
HETATM 386 O O     . HOH D 3 . ? -8.929  -3.798  -12.368 1.00 48.46 ? 150 HOH A O     1 
HETATM 387 O O     . HOH D 3 . ? -11.536 3.010   -5.938  1.00 52.22 ? 151 HOH A O     1 
HETATM 388 O O     . HOH D 3 . ? -0.172  -0.190  8.704   1.00 36.15 ? 152 HOH A O     1 
HETATM 389 O O     . HOH D 3 . ? -10.353 6.794   7.950   1.00 50.48 ? 153 HOH A O     1 
HETATM 390 O O     . HOH D 3 . ? -8.876  6.647   4.593   1.00 50.65 ? 158 HOH A O     1 
HETATM 391 O O     . HOH D 3 . ? -7.030  0.782   -14.161 1.00 42.62 ? 159 HOH A O     1 
HETATM 392 O O     . HOH D 3 . ? -0.763  -0.051  11.337  1.00 31.37 ? 160 HOH A O     1 
HETATM 393 O O     . HOH D 3 . ? -10.605 5.111   -1.359  1.00 53.45 ? 161 HOH A O     1 
HETATM 394 O O     . HOH D 3 . ? -4.880  8.624   6.941   1.00 36.53 ? 162 HOH A O     1 
HETATM 395 O O     . HOH D 3 . ? 2.310   -1.924  13.986  1.00 45.02 ? 163 HOH A O     1 
HETATM 396 O O     . HOH D 3 . ? -2.959  -1.638  9.328   1.00 41.86 ? 165 HOH A O     1 
HETATM 397 O O     . HOH D 3 . ? -11.722 -6.560  -12.364 1.00 46.25 ? 167 HOH A O     1 
HETATM 398 O O     . HOH D 3 . ? -9.433  5.539   -8.196  1.00 41.88 ? 169 HOH A O     1 
HETATM 399 O O     . HOH D 3 . ? -12.156 2.530   -3.775  1.00 45.62 ? 170 HOH A O     1 
HETATM 400 O O     . HOH D 3 . ? -13.035 0.770   -6.597  1.00 49.49 ? 171 HOH A O     1 
HETATM 401 O O     . HOH D 3 . ? 5.482   -0.824  7.818   1.00 38.90 ? 172 HOH A O     1 
HETATM 402 O O     . HOH D 3 . ? -10.546 1.424   -7.094  1.00 45.55 ? 176 HOH A O     1 
HETATM 403 O O     . HOH E 3 . ? 2.541   -4.046  0.593   1.00 27.25 ? 101 HOH B O     1 
HETATM 404 O O     . HOH E 3 . ? -2.580  -3.298  2.137   1.00 32.97 ? 106 HOH B O     1 
HETATM 405 O O     . HOH E 3 . ? 3.205   -0.961  1.417   1.00 30.04 ? 108 HOH B O     1 
HETATM 406 O O     . HOH E 3 . ? 0.049   -0.936  -6.811  1.00 27.13 ? 109 HOH B O     1 
HETATM 407 O O     . HOH E 3 . ? 4.241   9.362   8.759   1.00 30.36 ? 110 HOH B O     1 
HETATM 408 O O     . HOH E 3 . ? 8.073   0.343   -9.394  1.00 38.58 ? 119 HOH B O     1 
HETATM 409 O O     . HOH E 3 . ? -1.590  -5.058  4.361   1.00 34.37 ? 120 HOH B O     1 
HETATM 410 O O     . HOH E 3 . ? 0.463   -2.667  2.954   1.00 40.56 ? 121 HOH B O     1 
HETATM 411 O O     . HOH E 3 . ? -4.225  -5.857  6.809   1.00 43.14 ? 127 HOH B O     1 
HETATM 412 O O     . HOH E 3 . ? -4.631  -4.957  4.058   1.00 33.32 ? 128 HOH B O     1 
HETATM 413 O O     . HOH E 3 . ? 9.373   5.969   1.074   1.00 26.55 ? 130 HOH B O     1 
HETATM 414 O O     . HOH E 3 . ? 8.547   8.902   0.418   1.00 40.49 ? 131 HOH B O     1 
HETATM 415 O O     . HOH E 3 . ? 8.166   4.810   -2.572  1.00 40.23 ? 132 HOH B O     1 
HETATM 416 O O     . HOH E 3 . ? 7.758   3.225   -0.798  1.00 35.81 ? 133 HOH B O     1 
HETATM 417 O O     . HOH E 3 . ? -8.059  -5.834  8.612   1.00 40.98 ? 134 HOH B O     1 
HETATM 418 O O     . HOH E 3 . ? 8.039   -6.797  -5.452  1.00 41.85 ? 135 HOH B O     1 
HETATM 419 O O     . HOH E 3 . ? -0.540  5.449   -4.580  1.00 33.68 ? 137 HOH B O     1 
HETATM 420 O O     . HOH E 3 . ? 4.627   -4.500  -1.130  1.00 41.53 ? 138 HOH B O     1 
HETATM 421 O O     . HOH E 3 . ? -1.028  -13.052 -2.100  1.00 43.76 ? 141 HOH B O     1 
HETATM 422 O O     . HOH E 3 . ? -3.248  -10.509 -2.333  1.00 21.58 ? 142 HOH B O     1 
HETATM 423 O O     . HOH E 3 . ? 0.555   -6.039  7.765   1.00 40.89 ? 146 HOH B O     1 
HETATM 424 O O     . HOH E 3 . ? -7.224  -3.698  1.835   1.00 42.44 ? 147 HOH B O     1 
HETATM 425 O O     . HOH E 3 . ? -8.036  -4.844  4.753   1.00 46.15 ? 149 HOH B O     1 
HETATM 426 O O     . HOH E 3 . ? 4.924   1.108   1.512   1.00 49.43 ? 154 HOH B O     1 
HETATM 427 O O     . HOH E 3 . ? 0.592   3.856   -7.103  1.00 43.81 ? 155 HOH B O     1 
HETATM 428 O O     . HOH E 3 . ? -6.966  -2.051  4.732   1.00 50.18 ? 156 HOH B O     1 
HETATM 429 O O     . HOH E 3 . ? 3.102   -6.531  -0.950  1.00 30.42 ? 157 HOH B O     1 
HETATM 430 O O     . HOH E 3 . ? -9.249  -3.453  0.786   1.00 50.65 ? 164 HOH B O     1 
HETATM 431 O O     . HOH E 3 . ? -1.792  -2.534  5.991   1.00 43.57 ? 166 HOH B O     1 
HETATM 432 O O     . HOH E 3 . ? 1.106   -9.867  8.780   1.00 32.70 ? 168 HOH B O     1 
HETATM 433 O O     . HOH E 3 . ? 10.400  -0.883  -10.566 1.00 53.96 ? 173 HOH B O     1 
HETATM 434 O O     . HOH E 3 . ? 7.151   -9.021  -6.816  1.00 37.72 ? 174 HOH B O     1 
HETATM 435 O O     . HOH E 3 . ? 9.248   -8.035  0.831   1.00 58.29 ? 175 HOH B O     1 
# 
loop_
_pdbx_poly_seq_scheme.asym_id 
_pdbx_poly_seq_scheme.entity_id 
_pdbx_poly_seq_scheme.seq_id 
_pdbx_poly_seq_scheme.mon_id 
_pdbx_poly_seq_scheme.ndb_seq_num 
_pdbx_poly_seq_scheme.pdb_seq_num 
_pdbx_poly_seq_scheme.auth_seq_num 
_pdbx_poly_seq_scheme.pdb_mon_id 
_pdbx_poly_seq_scheme.auth_mon_id 
_pdbx_poly_seq_scheme.pdb_strand_id 
_pdbx_poly_seq_scheme.pdb_ins_code 
_pdbx_poly_seq_scheme.hetero 
A 1 1 DG 1 1 1 DG G A . n 
A 1 2 DG 2 2 2 DG G A . n 
A 1 3 DT 3 3 3 DT T A . n 
A 1 4 DA 4 4 4 DA A A . n 
A 1 5 DT 5 5 5 DT T A . n 
A 1 6 DA 6 6 6 DA A A . n 
A 1 7 DC 7 7 7 DC C A . n 
A 1 8 DC 8 8 8 DC C A . n 
B 1 1 DG 1 1 1 DG G B . n 
B 1 2 DG 2 2 2 DG G B . n 
B 1 3 DT 3 3 3 DT T B . n 
B 1 4 DA 4 4 4 DA A B . n 
B 1 5 DT 5 5 5 DT T B . n 
B 1 6 DA 6 6 6 DA A B . n 
B 1 7 DC 7 7 7 DC C B . n 
B 1 8 DC 8 8 8 DC C B . n 
# 
loop_
_pdbx_nonpoly_scheme.asym_id 
_pdbx_nonpoly_scheme.entity_id 
_pdbx_nonpoly_scheme.mon_id 
_pdbx_nonpoly_scheme.ndb_seq_num 
_pdbx_nonpoly_scheme.pdb_seq_num 
_pdbx_nonpoly_scheme.auth_seq_num 
_pdbx_nonpoly_scheme.pdb_mon_id 
_pdbx_nonpoly_scheme.auth_mon_id 
_pdbx_nonpoly_scheme.pdb_strand_id 
_pdbx_nonpoly_scheme.pdb_ins_code 
C 2 SPM 1  20  20  SPM SPM B . 
D 3 HOH 1  102 102 HOH HOH A . 
D 3 HOH 2  103 103 HOH HOH A . 
D 3 HOH 3  104 104 HOH HOH A . 
D 3 HOH 4  105 105 HOH HOH A . 
D 3 HOH 5  107 107 HOH HOH A . 
D 3 HOH 6  111 111 HOH HOH A . 
D 3 HOH 7  112 112 HOH HOH A . 
D 3 HOH 8  113 113 HOH HOH A . 
D 3 HOH 9  114 114 HOH HOH A . 
D 3 HOH 10 115 115 HOH HOH A . 
D 3 HOH 11 116 116 HOH HOH A . 
D 3 HOH 12 117 117 HOH HOH A . 
D 3 HOH 13 118 118 HOH HOH A . 
D 3 HOH 14 122 122 HOH HOH A . 
D 3 HOH 15 123 123 HOH HOH A . 
D 3 HOH 16 124 124 HOH HOH A . 
D 3 HOH 17 125 125 HOH HOH A . 
D 3 HOH 18 126 126 HOH HOH A . 
D 3 HOH 19 129 129 HOH HOH A . 
D 3 HOH 20 136 136 HOH HOH A . 
D 3 HOH 21 139 139 HOH HOH A . 
D 3 HOH 22 140 140 HOH HOH A . 
D 3 HOH 23 143 143 HOH HOH A . 
D 3 HOH 24 144 144 HOH HOH A . 
D 3 HOH 25 145 145 HOH HOH A . 
D 3 HOH 26 148 148 HOH HOH A . 
D 3 HOH 27 150 150 HOH HOH A . 
D 3 HOH 28 151 151 HOH HOH A . 
D 3 HOH 29 152 152 HOH HOH A . 
D 3 HOH 30 153 153 HOH HOH A . 
D 3 HOH 31 158 158 HOH HOH A . 
D 3 HOH 32 159 159 HOH HOH A . 
D 3 HOH 33 160 160 HOH HOH A . 
D 3 HOH 34 161 161 HOH HOH A . 
D 3 HOH 35 162 162 HOH HOH A . 
D 3 HOH 36 163 163 HOH HOH A . 
D 3 HOH 37 165 165 HOH HOH A . 
D 3 HOH 38 167 167 HOH HOH A . 
D 3 HOH 39 169 169 HOH HOH A . 
D 3 HOH 40 170 170 HOH HOH A . 
D 3 HOH 41 171 171 HOH HOH A . 
D 3 HOH 42 172 172 HOH HOH A . 
D 3 HOH 43 176 176 HOH HOH A . 
E 3 HOH 1  101 101 HOH HOH B . 
E 3 HOH 2  106 106 HOH HOH B . 
E 3 HOH 3  108 108 HOH HOH B . 
E 3 HOH 4  109 109 HOH HOH B . 
E 3 HOH 5  110 110 HOH HOH B . 
E 3 HOH 6  119 119 HOH HOH B . 
E 3 HOH 7  120 120 HOH HOH B . 
E 3 HOH 8  121 121 HOH HOH B . 
E 3 HOH 9  127 127 HOH HOH B . 
E 3 HOH 10 128 128 HOH HOH B . 
E 3 HOH 11 130 130 HOH HOH B . 
E 3 HOH 12 131 131 HOH HOH B . 
E 3 HOH 13 132 132 HOH HOH B . 
E 3 HOH 14 133 133 HOH HOH B . 
E 3 HOH 15 134 134 HOH HOH B . 
E 3 HOH 16 135 135 HOH HOH B . 
E 3 HOH 17 137 137 HOH HOH B . 
E 3 HOH 18 138 138 HOH HOH B . 
E 3 HOH 19 141 141 HOH HOH B . 
E 3 HOH 20 142 142 HOH HOH B . 
E 3 HOH 21 146 146 HOH HOH B . 
E 3 HOH 22 147 147 HOH HOH B . 
E 3 HOH 23 149 149 HOH HOH B . 
E 3 HOH 24 154 154 HOH HOH B . 
E 3 HOH 25 155 155 HOH HOH B . 
E 3 HOH 26 156 156 HOH HOH B . 
E 3 HOH 27 157 157 HOH HOH B . 
E 3 HOH 28 164 164 HOH HOH B . 
E 3 HOH 29 166 166 HOH HOH B . 
E 3 HOH 30 168 168 HOH HOH B . 
E 3 HOH 31 173 173 HOH HOH B . 
E 3 HOH 32 174 174 HOH HOH B . 
E 3 HOH 33 175 175 HOH HOH B . 
# 
_pdbx_struct_assembly.id                   1 
_pdbx_struct_assembly.details              author_defined_assembly 
_pdbx_struct_assembly.method_details       ? 
_pdbx_struct_assembly.oligomeric_details   dimeric 
_pdbx_struct_assembly.oligomeric_count     2 
# 
_pdbx_struct_assembly_gen.assembly_id       1 
_pdbx_struct_assembly_gen.oper_expression   1 
_pdbx_struct_assembly_gen.asym_id_list      A,B,C,D,E 
# 
_pdbx_struct_oper_list.id                   1 
_pdbx_struct_oper_list.type                 'identity operation' 
_pdbx_struct_oper_list.name                 1_555 
_pdbx_struct_oper_list.symmetry_operation   x,y,z 
_pdbx_struct_oper_list.matrix[1][1]         1.0000000000 
_pdbx_struct_oper_list.matrix[1][2]         0.0000000000 
_pdbx_struct_oper_list.matrix[1][3]         0.0000000000 
_pdbx_struct_oper_list.vector[1]            0.0000000000 
_pdbx_struct_oper_list.matrix[2][1]         0.0000000000 
_pdbx_struct_oper_list.matrix[2][2]         1.0000000000 
_pdbx_struct_oper_list.matrix[2][3]         0.0000000000 
_pdbx_struct_oper_list.vector[2]            0.0000000000 
_pdbx_struct_oper_list.matrix[3][1]         0.0000000000 
_pdbx_struct_oper_list.matrix[3][2]         0.0000000000 
_pdbx_struct_oper_list.matrix[3][3]         1.0000000000 
_pdbx_struct_oper_list.vector[3]            0.0000000000 
# 
loop_
_pdbx_audit_revision_history.ordinal 
_pdbx_audit_revision_history.data_content_type 
_pdbx_audit_revision_history.major_revision 
_pdbx_audit_revision_history.minor_revision 
_pdbx_audit_revision_history.revision_date 
1 'Structure model' 1 0 2007-07-24 
2 'Structure model' 1 1 2008-01-17 
3 'Structure model' 1 2 2011-07-13 
4 'Structure model' 1 3 2023-08-30 
# 
_pdbx_audit_revision_details.ordinal             1 
_pdbx_audit_revision_details.revision_ordinal    1 
_pdbx_audit_revision_details.data_content_type   'Structure model' 
_pdbx_audit_revision_details.provider            repository 
_pdbx_audit_revision_details.type                'Initial release' 
_pdbx_audit_revision_details.description         ? 
_pdbx_audit_revision_details.details             ? 
# 
loop_
_pdbx_audit_revision_group.ordinal 
_pdbx_audit_revision_group.revision_ordinal 
_pdbx_audit_revision_group.data_content_type 
_pdbx_audit_revision_group.group 
1 2 'Structure model' 'Version format compliance' 
2 3 'Structure model' 'Version format compliance' 
3 4 'Structure model' 'Data collection'           
4 4 'Structure model' 'Database references'       
5 4 'Structure model' 'Derived calculations'      
6 4 'Structure model' 'Refinement description'    
# 
loop_
_pdbx_audit_revision_category.ordinal 
_pdbx_audit_revision_category.revision_ordinal 
_pdbx_audit_revision_category.data_content_type 
_pdbx_audit_revision_category.category 
1 4 'Structure model' chem_comp_atom                
2 4 'Structure model' chem_comp_bond                
3 4 'Structure model' database_2                    
4 4 'Structure model' pdbx_initial_refinement_model 
5 4 'Structure model' struct_site                   
# 
loop_
_pdbx_audit_revision_item.ordinal 
_pdbx_audit_revision_item.revision_ordinal 
_pdbx_audit_revision_item.data_content_type 
_pdbx_audit_revision_item.item 
1 4 'Structure model' '_database_2.pdbx_DOI'                
2 4 'Structure model' '_database_2.pdbx_database_accession' 
3 4 'Structure model' '_struct_site.pdbx_auth_asym_id'      
4 4 'Structure model' '_struct_site.pdbx_auth_comp_id'      
5 4 'Structure model' '_struct_site.pdbx_auth_seq_id'       
# 
loop_
_software.name 
_software.classification 
_software.version 
_software.citation_id 
_software.pdbx_ordinal 
SHELX     'model building'  . ? 1 
SHELXL-97 refinement        . ? 2 
AUTOMAR   'data collection' . ? 3 
XDS       'data reduction'  . ? 4 
SCALA     'data scaling'    . ? 5 
# 
loop_
_pdbx_validate_rmsd_angle.id 
_pdbx_validate_rmsd_angle.PDB_model_num 
_pdbx_validate_rmsd_angle.auth_atom_id_1 
_pdbx_validate_rmsd_angle.auth_asym_id_1 
_pdbx_validate_rmsd_angle.auth_comp_id_1 
_pdbx_validate_rmsd_angle.auth_seq_id_1 
_pdbx_validate_rmsd_angle.PDB_ins_code_1 
_pdbx_validate_rmsd_angle.label_alt_id_1 
_pdbx_validate_rmsd_angle.auth_atom_id_2 
_pdbx_validate_rmsd_angle.auth_asym_id_2 
_pdbx_validate_rmsd_angle.auth_comp_id_2 
_pdbx_validate_rmsd_angle.auth_seq_id_2 
_pdbx_validate_rmsd_angle.PDB_ins_code_2 
_pdbx_validate_rmsd_angle.label_alt_id_2 
_pdbx_validate_rmsd_angle.auth_atom_id_3 
_pdbx_validate_rmsd_angle.auth_asym_id_3 
_pdbx_validate_rmsd_angle.auth_comp_id_3 
_pdbx_validate_rmsd_angle.auth_seq_id_3 
_pdbx_validate_rmsd_angle.PDB_ins_code_3 
_pdbx_validate_rmsd_angle.label_alt_id_3 
_pdbx_validate_rmsd_angle.angle_value 
_pdbx_validate_rmsd_angle.angle_target_value 
_pdbx_validate_rmsd_angle.angle_deviation 
_pdbx_validate_rmsd_angle.angle_standard_deviation 
_pdbx_validate_rmsd_angle.linker_flag 
1  1 "O4'" A DG 1 ? ? "C1'" A DG 1 ? ? N9    A DG 1 ? ? 110.13 108.30 1.83  0.30 N 
2  1 N3    A DT 3 ? ? C2    A DT 3 ? ? O2    A DT 3 ? ? 126.17 122.30 3.87  0.60 N 
3  1 N1    A DA 4 ? ? C2    A DA 4 ? ? N3    A DA 4 ? ? 133.34 129.30 4.04  0.50 N 
4  1 C2    A DA 4 ? ? N3    A DA 4 ? ? C4    A DA 4 ? ? 107.30 110.60 -3.30 0.50 N 
5  1 "O4'" A DT 5 ? ? "C4'" A DT 5 ? ? "C3'" A DT 5 ? ? 101.95 104.50 -2.55 0.40 N 
6  1 "O5'" A DA 6 ? ? "C5'" A DA 6 ? ? "C4'" A DA 6 ? A 102.82 109.40 -6.58 0.80 N 
7  1 N1    A DA 6 ? ? C6    A DA 6 ? ? N6    A DA 6 ? ? 122.26 118.60 3.66  0.60 N 
8  1 "C3'" A DA 6 ? B "O3'" A DA 6 ? B P     A DC 7 ? B 129.39 119.70 9.69  1.20 Y 
9  1 P     A DC 7 ? A "O5'" A DC 7 ? A "C5'" A DC 7 ? A 132.84 120.90 11.94 1.60 N 
10 1 C6    A DC 7 ? ? N1    A DC 7 ? ? C2    A DC 7 ? ? 123.43 120.30 3.13  0.40 N 
11 1 C2    B DA 4 ? ? N3    B DA 4 ? ? C4    B DA 4 ? ? 114.12 110.60 3.52  0.50 N 
12 1 "O4'" B DA 6 ? ? "C4'" B DA 6 ? ? "C3'" B DA 6 ? ? 101.22 104.50 -3.28 0.40 N 
13 1 N1    B DA 6 ? ? C6    B DA 6 ? ? N6    B DA 6 ? ? 128.42 118.60 9.82  0.60 N 
14 1 C5    B DA 6 ? ? C6    B DA 6 ? ? N6    B DA 6 ? ? 115.51 123.70 -8.19 0.80 N 
15 1 "O4'" B DC 7 ? ? "C4'" B DC 7 ? ? "C3'" B DC 7 ? ? 101.93 104.50 -2.57 0.40 N 
# 
loop_
_chem_comp_atom.comp_id 
_chem_comp_atom.atom_id 
_chem_comp_atom.type_symbol 
_chem_comp_atom.pdbx_aromatic_flag 
_chem_comp_atom.pdbx_stereo_config 
_chem_comp_atom.pdbx_ordinal 
DA  OP3    O N N 1   
DA  P      P N N 2   
DA  OP1    O N N 3   
DA  OP2    O N N 4   
DA  "O5'"  O N N 5   
DA  "C5'"  C N N 6   
DA  "C4'"  C N R 7   
DA  "O4'"  O N N 8   
DA  "C3'"  C N S 9   
DA  "O3'"  O N N 10  
DA  "C2'"  C N N 11  
DA  "C1'"  C N R 12  
DA  N9     N Y N 13  
DA  C8     C Y N 14  
DA  N7     N Y N 15  
DA  C5     C Y N 16  
DA  C6     C Y N 17  
DA  N6     N N N 18  
DA  N1     N Y N 19  
DA  C2     C Y N 20  
DA  N3     N Y N 21  
DA  C4     C Y N 22  
DA  HOP3   H N N 23  
DA  HOP2   H N N 24  
DA  "H5'"  H N N 25  
DA  "H5''" H N N 26  
DA  "H4'"  H N N 27  
DA  "H3'"  H N N 28  
DA  "HO3'" H N N 29  
DA  "H2'"  H N N 30  
DA  "H2''" H N N 31  
DA  "H1'"  H N N 32  
DA  H8     H N N 33  
DA  H61    H N N 34  
DA  H62    H N N 35  
DA  H2     H N N 36  
DC  OP3    O N N 37  
DC  P      P N N 38  
DC  OP1    O N N 39  
DC  OP2    O N N 40  
DC  "O5'"  O N N 41  
DC  "C5'"  C N N 42  
DC  "C4'"  C N R 43  
DC  "O4'"  O N N 44  
DC  "C3'"  C N S 45  
DC  "O3'"  O N N 46  
DC  "C2'"  C N N 47  
DC  "C1'"  C N R 48  
DC  N1     N N N 49  
DC  C2     C N N 50  
DC  O2     O N N 51  
DC  N3     N N N 52  
DC  C4     C N N 53  
DC  N4     N N N 54  
DC  C5     C N N 55  
DC  C6     C N N 56  
DC  HOP3   H N N 57  
DC  HOP2   H N N 58  
DC  "H5'"  H N N 59  
DC  "H5''" H N N 60  
DC  "H4'"  H N N 61  
DC  "H3'"  H N N 62  
DC  "HO3'" H N N 63  
DC  "H2'"  H N N 64  
DC  "H2''" H N N 65  
DC  "H1'"  H N N 66  
DC  H41    H N N 67  
DC  H42    H N N 68  
DC  H5     H N N 69  
DC  H6     H N N 70  
DG  OP3    O N N 71  
DG  P      P N N 72  
DG  OP1    O N N 73  
DG  OP2    O N N 74  
DG  "O5'"  O N N 75  
DG  "C5'"  C N N 76  
DG  "C4'"  C N R 77  
DG  "O4'"  O N N 78  
DG  "C3'"  C N S 79  
DG  "O3'"  O N N 80  
DG  "C2'"  C N N 81  
DG  "C1'"  C N R 82  
DG  N9     N Y N 83  
DG  C8     C Y N 84  
DG  N7     N Y N 85  
DG  C5     C Y N 86  
DG  C6     C N N 87  
DG  O6     O N N 88  
DG  N1     N N N 89  
DG  C2     C N N 90  
DG  N2     N N N 91  
DG  N3     N N N 92  
DG  C4     C Y N 93  
DG  HOP3   H N N 94  
DG  HOP2   H N N 95  
DG  "H5'"  H N N 96  
DG  "H5''" H N N 97  
DG  "H4'"  H N N 98  
DG  "H3'"  H N N 99  
DG  "HO3'" H N N 100 
DG  "H2'"  H N N 101 
DG  "H2''" H N N 102 
DG  "H1'"  H N N 103 
DG  H8     H N N 104 
DG  H1     H N N 105 
DG  H21    H N N 106 
DG  H22    H N N 107 
DT  OP3    O N N 108 
DT  P      P N N 109 
DT  OP1    O N N 110 
DT  OP2    O N N 111 
DT  "O5'"  O N N 112 
DT  "C5'"  C N N 113 
DT  "C4'"  C N R 114 
DT  "O4'"  O N N 115 
DT  "C3'"  C N S 116 
DT  "O3'"  O N N 117 
DT  "C2'"  C N N 118 
DT  "C1'"  C N R 119 
DT  N1     N N N 120 
DT  C2     C N N 121 
DT  O2     O N N 122 
DT  N3     N N N 123 
DT  C4     C N N 124 
DT  O4     O N N 125 
DT  C5     C N N 126 
DT  C7     C N N 127 
DT  C6     C N N 128 
DT  HOP3   H N N 129 
DT  HOP2   H N N 130 
DT  "H5'"  H N N 131 
DT  "H5''" H N N 132 
DT  "H4'"  H N N 133 
DT  "H3'"  H N N 134 
DT  "HO3'" H N N 135 
DT  "H2'"  H N N 136 
DT  "H2''" H N N 137 
DT  "H1'"  H N N 138 
DT  H3     H N N 139 
DT  H71    H N N 140 
DT  H72    H N N 141 
DT  H73    H N N 142 
DT  H6     H N N 143 
HOH O      O N N 144 
HOH H1     H N N 145 
HOH H2     H N N 146 
SPM N1     N N N 147 
SPM C2     C N N 148 
SPM C3     C N N 149 
SPM C4     C N N 150 
SPM N5     N N N 151 
SPM C6     C N N 152 
SPM C7     C N N 153 
SPM C8     C N N 154 
SPM C9     C N N 155 
SPM N10    N N N 156 
SPM C11    C N N 157 
SPM C12    C N N 158 
SPM C13    C N N 159 
SPM N14    N N N 160 
SPM HN11   H N N 161 
SPM HN12   H N N 162 
SPM H21    H N N 163 
SPM H22    H N N 164 
SPM H31    H N N 165 
SPM H32    H N N 166 
SPM H41    H N N 167 
SPM H42    H N N 168 
SPM HN5    H N N 169 
SPM H61    H N N 170 
SPM H62    H N N 171 
SPM H71    H N N 172 
SPM H72    H N N 173 
SPM H81    H N N 174 
SPM H82    H N N 175 
SPM H91    H N N 176 
SPM H92    H N N 177 
SPM HN0    H N N 178 
SPM H111   H N N 179 
SPM H112   H N N 180 
SPM H121   H N N 181 
SPM H122   H N N 182 
SPM H131   H N N 183 
SPM H132   H N N 184 
SPM HN41   H N N 185 
SPM HN42   H N N 186 
# 
loop_
_chem_comp_bond.comp_id 
_chem_comp_bond.atom_id_1 
_chem_comp_bond.atom_id_2 
_chem_comp_bond.value_order 
_chem_comp_bond.pdbx_aromatic_flag 
_chem_comp_bond.pdbx_stereo_config 
_chem_comp_bond.pdbx_ordinal 
DA  OP3   P      sing N N 1   
DA  OP3   HOP3   sing N N 2   
DA  P     OP1    doub N N 3   
DA  P     OP2    sing N N 4   
DA  P     "O5'"  sing N N 5   
DA  OP2   HOP2   sing N N 6   
DA  "O5'" "C5'"  sing N N 7   
DA  "C5'" "C4'"  sing N N 8   
DA  "C5'" "H5'"  sing N N 9   
DA  "C5'" "H5''" sing N N 10  
DA  "C4'" "O4'"  sing N N 11  
DA  "C4'" "C3'"  sing N N 12  
DA  "C4'" "H4'"  sing N N 13  
DA  "O4'" "C1'"  sing N N 14  
DA  "C3'" "O3'"  sing N N 15  
DA  "C3'" "C2'"  sing N N 16  
DA  "C3'" "H3'"  sing N N 17  
DA  "O3'" "HO3'" sing N N 18  
DA  "C2'" "C1'"  sing N N 19  
DA  "C2'" "H2'"  sing N N 20  
DA  "C2'" "H2''" sing N N 21  
DA  "C1'" N9     sing N N 22  
DA  "C1'" "H1'"  sing N N 23  
DA  N9    C8     sing Y N 24  
DA  N9    C4     sing Y N 25  
DA  C8    N7     doub Y N 26  
DA  C8    H8     sing N N 27  
DA  N7    C5     sing Y N 28  
DA  C5    C6     sing Y N 29  
DA  C5    C4     doub Y N 30  
DA  C6    N6     sing N N 31  
DA  C6    N1     doub Y N 32  
DA  N6    H61    sing N N 33  
DA  N6    H62    sing N N 34  
DA  N1    C2     sing Y N 35  
DA  C2    N3     doub Y N 36  
DA  C2    H2     sing N N 37  
DA  N3    C4     sing Y N 38  
DC  OP3   P      sing N N 39  
DC  OP3   HOP3   sing N N 40  
DC  P     OP1    doub N N 41  
DC  P     OP2    sing N N 42  
DC  P     "O5'"  sing N N 43  
DC  OP2   HOP2   sing N N 44  
DC  "O5'" "C5'"  sing N N 45  
DC  "C5'" "C4'"  sing N N 46  
DC  "C5'" "H5'"  sing N N 47  
DC  "C5'" "H5''" sing N N 48  
DC  "C4'" "O4'"  sing N N 49  
DC  "C4'" "C3'"  sing N N 50  
DC  "C4'" "H4'"  sing N N 51  
DC  "O4'" "C1'"  sing N N 52  
DC  "C3'" "O3'"  sing N N 53  
DC  "C3'" "C2'"  sing N N 54  
DC  "C3'" "H3'"  sing N N 55  
DC  "O3'" "HO3'" sing N N 56  
DC  "C2'" "C1'"  sing N N 57  
DC  "C2'" "H2'"  sing N N 58  
DC  "C2'" "H2''" sing N N 59  
DC  "C1'" N1     sing N N 60  
DC  "C1'" "H1'"  sing N N 61  
DC  N1    C2     sing N N 62  
DC  N1    C6     sing N N 63  
DC  C2    O2     doub N N 64  
DC  C2    N3     sing N N 65  
DC  N3    C4     doub N N 66  
DC  C4    N4     sing N N 67  
DC  C4    C5     sing N N 68  
DC  N4    H41    sing N N 69  
DC  N4    H42    sing N N 70  
DC  C5    C6     doub N N 71  
DC  C5    H5     sing N N 72  
DC  C6    H6     sing N N 73  
DG  OP3   P      sing N N 74  
DG  OP3   HOP3   sing N N 75  
DG  P     OP1    doub N N 76  
DG  P     OP2    sing N N 77  
DG  P     "O5'"  sing N N 78  
DG  OP2   HOP2   sing N N 79  
DG  "O5'" "C5'"  sing N N 80  
DG  "C5'" "C4'"  sing N N 81  
DG  "C5'" "H5'"  sing N N 82  
DG  "C5'" "H5''" sing N N 83  
DG  "C4'" "O4'"  sing N N 84  
DG  "C4'" "C3'"  sing N N 85  
DG  "C4'" "H4'"  sing N N 86  
DG  "O4'" "C1'"  sing N N 87  
DG  "C3'" "O3'"  sing N N 88  
DG  "C3'" "C2'"  sing N N 89  
DG  "C3'" "H3'"  sing N N 90  
DG  "O3'" "HO3'" sing N N 91  
DG  "C2'" "C1'"  sing N N 92  
DG  "C2'" "H2'"  sing N N 93  
DG  "C2'" "H2''" sing N N 94  
DG  "C1'" N9     sing N N 95  
DG  "C1'" "H1'"  sing N N 96  
DG  N9    C8     sing Y N 97  
DG  N9    C4     sing Y N 98  
DG  C8    N7     doub Y N 99  
DG  C8    H8     sing N N 100 
DG  N7    C5     sing Y N 101 
DG  C5    C6     sing N N 102 
DG  C5    C4     doub Y N 103 
DG  C6    O6     doub N N 104 
DG  C6    N1     sing N N 105 
DG  N1    C2     sing N N 106 
DG  N1    H1     sing N N 107 
DG  C2    N2     sing N N 108 
DG  C2    N3     doub N N 109 
DG  N2    H21    sing N N 110 
DG  N2    H22    sing N N 111 
DG  N3    C4     sing N N 112 
DT  OP3   P      sing N N 113 
DT  OP3   HOP3   sing N N 114 
DT  P     OP1    doub N N 115 
DT  P     OP2    sing N N 116 
DT  P     "O5'"  sing N N 117 
DT  OP2   HOP2   sing N N 118 
DT  "O5'" "C5'"  sing N N 119 
DT  "C5'" "C4'"  sing N N 120 
DT  "C5'" "H5'"  sing N N 121 
DT  "C5'" "H5''" sing N N 122 
DT  "C4'" "O4'"  sing N N 123 
DT  "C4'" "C3'"  sing N N 124 
DT  "C4'" "H4'"  sing N N 125 
DT  "O4'" "C1'"  sing N N 126 
DT  "C3'" "O3'"  sing N N 127 
DT  "C3'" "C2'"  sing N N 128 
DT  "C3'" "H3'"  sing N N 129 
DT  "O3'" "HO3'" sing N N 130 
DT  "C2'" "C1'"  sing N N 131 
DT  "C2'" "H2'"  sing N N 132 
DT  "C2'" "H2''" sing N N 133 
DT  "C1'" N1     sing N N 134 
DT  "C1'" "H1'"  sing N N 135 
DT  N1    C2     sing N N 136 
DT  N1    C6     sing N N 137 
DT  C2    O2     doub N N 138 
DT  C2    N3     sing N N 139 
DT  N3    C4     sing N N 140 
DT  N3    H3     sing N N 141 
DT  C4    O4     doub N N 142 
DT  C4    C5     sing N N 143 
DT  C5    C7     sing N N 144 
DT  C5    C6     doub N N 145 
DT  C7    H71    sing N N 146 
DT  C7    H72    sing N N 147 
DT  C7    H73    sing N N 148 
DT  C6    H6     sing N N 149 
HOH O     H1     sing N N 150 
HOH O     H2     sing N N 151 
SPM N1    C2     sing N N 152 
SPM N1    HN11   sing N N 153 
SPM N1    HN12   sing N N 154 
SPM C2    C3     sing N N 155 
SPM C2    H21    sing N N 156 
SPM C2    H22    sing N N 157 
SPM C3    C4     sing N N 158 
SPM C3    H31    sing N N 159 
SPM C3    H32    sing N N 160 
SPM C4    N5     sing N N 161 
SPM C4    H41    sing N N 162 
SPM C4    H42    sing N N 163 
SPM N5    C6     sing N N 164 
SPM N5    HN5    sing N N 165 
SPM C6    C7     sing N N 166 
SPM C6    H61    sing N N 167 
SPM C6    H62    sing N N 168 
SPM C7    C8     sing N N 169 
SPM C7    H71    sing N N 170 
SPM C7    H72    sing N N 171 
SPM C8    C9     sing N N 172 
SPM C8    H81    sing N N 173 
SPM C8    H82    sing N N 174 
SPM C9    N10    sing N N 175 
SPM C9    H91    sing N N 176 
SPM C9    H92    sing N N 177 
SPM N10   C11    sing N N 178 
SPM N10   HN0    sing N N 179 
SPM C11   C12    sing N N 180 
SPM C11   H111   sing N N 181 
SPM C11   H112   sing N N 182 
SPM C12   C13    sing N N 183 
SPM C12   H121   sing N N 184 
SPM C12   H122   sing N N 185 
SPM C13   N14    sing N N 186 
SPM C13   H131   sing N N 187 
SPM C13   H132   sing N N 188 
SPM N14   HN41   sing N N 189 
SPM N14   HN42   sing N N 190 
# 
_ndb_struct_conf_na.entry_id   2PLB 
_ndb_struct_conf_na.feature    'a-form double helix' 
# 
loop_
_ndb_struct_na_base_pair.model_number 
_ndb_struct_na_base_pair.i_label_asym_id 
_ndb_struct_na_base_pair.i_label_comp_id 
_ndb_struct_na_base_pair.i_label_seq_id 
_ndb_struct_na_base_pair.i_symmetry 
_ndb_struct_na_base_pair.j_label_asym_id 
_ndb_struct_na_base_pair.j_label_comp_id 
_ndb_struct_na_base_pair.j_label_seq_id 
_ndb_struct_na_base_pair.j_symmetry 
_ndb_struct_na_base_pair.shear 
_ndb_struct_na_base_pair.stretch 
_ndb_struct_na_base_pair.stagger 
_ndb_struct_na_base_pair.buckle 
_ndb_struct_na_base_pair.propeller 
_ndb_struct_na_base_pair.opening 
_ndb_struct_na_base_pair.pair_number 
_ndb_struct_na_base_pair.pair_name 
_ndb_struct_na_base_pair.i_auth_asym_id 
_ndb_struct_na_base_pair.i_auth_seq_id 
_ndb_struct_na_base_pair.i_PDB_ins_code 
_ndb_struct_na_base_pair.j_auth_asym_id 
_ndb_struct_na_base_pair.j_auth_seq_id 
_ndb_struct_na_base_pair.j_PDB_ins_code 
_ndb_struct_na_base_pair.hbond_type_28 
_ndb_struct_na_base_pair.hbond_type_12 
1 A DG 1 1_555 B DC 8 1_555 -0.240 -0.164 -0.005 -3.725 -7.085  1.563  1 A_DG1:DC8_B A 1 ? B 8 ? 19 1 
1 A DG 2 1_555 B DC 7 1_555 -0.333 -0.210 0.003  -7.307 -14.552 0.875  2 A_DG2:DC7_B A 2 ? B 7 ? 19 1 
1 A DT 3 1_555 B DA 6 1_555 0.550  -0.484 -0.026 -3.255 -11.137 -4.449 3 A_DT3:DA6_B A 3 ? B 6 ? 20 1 
1 A DA 4 1_555 B DT 5 1_555 0.157  -0.206 0.301  -5.054 -13.735 4.895  4 A_DA4:DT5_B A 4 ? B 5 ? 20 1 
1 A DT 5 1_555 B DA 4 1_555 -0.042 -0.172 0.402  5.912  -14.373 6.430  5 A_DT5:DA4_B A 5 ? B 4 ? 20 1 
1 A DA 6 1_555 B DT 3 1_555 0.106  -0.194 -0.042 11.375 -17.827 0.884  6 A_DA6:DT3_B A 6 ? B 3 ? 20 1 
1 A DC 7 1_555 B DG 2 1_555 0.331  -0.147 0.022  9.570  -19.819 2.460  7 A_DC7:DG2_B A 7 ? B 2 ? 19 1 
1 A DC 8 1_555 B DG 1 1_555 0.194  -0.266 0.011  5.953  -2.301  -2.994 8 A_DC8:DG1_B A 8 ? B 1 ? 19 1 
# 
loop_
_ndb_struct_na_base_pair_step.model_number 
_ndb_struct_na_base_pair_step.i_label_asym_id_1 
_ndb_struct_na_base_pair_step.i_label_comp_id_1 
_ndb_struct_na_base_pair_step.i_label_seq_id_1 
_ndb_struct_na_base_pair_step.i_symmetry_1 
_ndb_struct_na_base_pair_step.j_label_asym_id_1 
_ndb_struct_na_base_pair_step.j_label_comp_id_1 
_ndb_struct_na_base_pair_step.j_label_seq_id_1 
_ndb_struct_na_base_pair_step.j_symmetry_1 
_ndb_struct_na_base_pair_step.i_label_asym_id_2 
_ndb_struct_na_base_pair_step.i_label_comp_id_2 
_ndb_struct_na_base_pair_step.i_label_seq_id_2 
_ndb_struct_na_base_pair_step.i_symmetry_2 
_ndb_struct_na_base_pair_step.j_label_asym_id_2 
_ndb_struct_na_base_pair_step.j_label_comp_id_2 
_ndb_struct_na_base_pair_step.j_label_seq_id_2 
_ndb_struct_na_base_pair_step.j_symmetry_2 
_ndb_struct_na_base_pair_step.shift 
_ndb_struct_na_base_pair_step.slide 
_ndb_struct_na_base_pair_step.rise 
_ndb_struct_na_base_pair_step.tilt 
_ndb_struct_na_base_pair_step.roll 
_ndb_struct_na_base_pair_step.twist 
_ndb_struct_na_base_pair_step.x_displacement 
_ndb_struct_na_base_pair_step.y_displacement 
_ndb_struct_na_base_pair_step.helical_rise 
_ndb_struct_na_base_pair_step.inclination 
_ndb_struct_na_base_pair_step.tip 
_ndb_struct_na_base_pair_step.helical_twist 
_ndb_struct_na_base_pair_step.step_number 
_ndb_struct_na_base_pair_step.step_name 
_ndb_struct_na_base_pair_step.i_auth_asym_id_1 
_ndb_struct_na_base_pair_step.i_auth_seq_id_1 
_ndb_struct_na_base_pair_step.i_PDB_ins_code_1 
_ndb_struct_na_base_pair_step.j_auth_asym_id_1 
_ndb_struct_na_base_pair_step.j_auth_seq_id_1 
_ndb_struct_na_base_pair_step.j_PDB_ins_code_1 
_ndb_struct_na_base_pair_step.i_auth_asym_id_2 
_ndb_struct_na_base_pair_step.i_auth_seq_id_2 
_ndb_struct_na_base_pair_step.i_PDB_ins_code_2 
_ndb_struct_na_base_pair_step.j_auth_asym_id_2 
_ndb_struct_na_base_pair_step.j_auth_seq_id_2 
_ndb_struct_na_base_pair_step.j_PDB_ins_code_2 
1 A DG 1 1_555 B DC 8 1_555 A DG 2 1_555 B DC 7 1_555 0.282  -2.017 3.133 -0.078 8.643  30.193 -5.151 -0.534 2.474 16.180 0.146  
31.379 1 AA_DG1DG2:DC7DC8_BB A 1 ? B 8 ? A 2 ? B 7 ? 
1 A DG 2 1_555 B DC 7 1_555 A DT 3 1_555 B DA 6 1_555 -0.898 -1.225 3.018 -0.066 2.083  40.096 -2.001 1.301  2.955 3.036  0.096  
40.148 2 AA_DG2DT3:DA6DC7_BB A 2 ? B 7 ? A 3 ? B 6 ? 
1 A DT 3 1_555 B DA 6 1_555 A DA 4 1_555 B DT 5 1_555 0.702  -1.320 2.974 -0.201 8.979  28.577 -4.134 -1.395 2.451 17.647 0.395  
29.927 3 AA_DT3DA4:DT5DA6_BB A 3 ? B 6 ? A 4 ? B 5 ? 
1 A DA 4 1_555 B DT 5 1_555 A DT 5 1_555 B DA 4 1_555 0.110  -1.291 2.889 -1.340 0.912  33.506 -2.368 -0.383 2.848 1.581  2.323  
33.544 4 AA_DA4DT5:DA4DT5_BB A 4 ? B 5 ? A 5 ? B 4 ? 
1 A DT 5 1_555 B DA 4 1_555 A DA 6 1_555 B DT 3 1_555 -1.073 -1.299 2.808 0.237  14.988 29.229 -4.282 1.932  1.923 27.534 -0.436 
32.774 5 AA_DT5DA6:DT3DA4_BB A 5 ? B 4 ? A 6 ? B 3 ? 
1 A DA 6 1_555 B DT 3 1_555 A DC 7 1_555 B DG 2 1_555 0.772  -1.189 3.099 0.517  0.127  37.412 -1.869 -1.139 3.105 0.198  -0.806 
37.415 6 AA_DA6DC7:DG2DT3_BB A 6 ? B 3 ? A 7 ? B 2 ? 
1 A DC 7 1_555 B DG 2 1_555 A DC 8 1_555 B DG 1 1_555 -0.723 -1.834 3.212 -2.101 10.987 30.946 -4.930 0.955  2.477 19.798 3.785  
32.859 7 AA_DC7DC8:DG1DG2_BB A 7 ? B 2 ? A 8 ? B 1 ? 
# 
loop_
_pdbx_entity_nonpoly.entity_id 
_pdbx_entity_nonpoly.name 
_pdbx_entity_nonpoly.comp_id 
2 SPERMINE SPM 
3 water    HOH 
# 
_pdbx_initial_refinement_model.id               1 
_pdbx_initial_refinement_model.entity_id_list   ? 
_pdbx_initial_refinement_model.type             'experimental model' 
_pdbx_initial_refinement_model.source_name      PDB 
_pdbx_initial_refinement_model.accession_code   2PL8 
_pdbx_initial_refinement_model.details          ? 
# 
